data_7CGW
#
_entry.id   7CGW
#
_cell.length_a   142.638
_cell.length_b   145.572
_cell.length_c   175.549
_cell.angle_alpha   90.000
_cell.angle_beta   90.000
_cell.angle_gamma   90.000
#
_symmetry.space_group_name_H-M   'C 2 2 21'
#
loop_
_entity.id
_entity.type
_entity.pdbx_description
1 polymer 'Heavy chain of tislelizumab Fab'
2 polymer 'Light chain of tislelizumab Fab'
3 polymer 'Programmed cell death protein 1'
4 non-polymer 2-acetamido-2-deoxy-beta-D-glucopyranose
#
loop_
_entity_poly.entity_id
_entity_poly.type
_entity_poly.pdbx_seq_one_letter_code
_entity_poly.pdbx_strand_id
1 'polypeptide(L)'
;QVQLQESGPGLVKPSETLSLTCTVSGFSLTSYGVHWIRQPPGKGLEWIGVIYADGSTNYNPSLKSRVTISKDTSKNQVSL
KLSSVTAADTAVYYCARAYGNYWYIDVWGQGTTVTVSSASTKGPSVFPLAPCSRSTSESTAALGCLVKDYFPEPVTVSWN
SGALTSGVHTFPAVLQSSGLYSLSSVVTVPSSSLGTKTYTCNVDHKPSNTKVDKRVESKYGPHHHHHH
;
A,H
2 'polypeptide(L)'
;DIVMTQSPDSLAVSLGERATINCKSSESVSNDVAWYQQKPGQPPKLLINYAFHRFTGVPDRFSGSGYGTDFTLTISSLQA
EDVAVYYCHQAYSSPYTFGQGTKLEIKRTVAAPSVFIFPPSDEQLKSGTASVVCLLNNFYPREAKVQWKVDNALQSGNSQ
ESVTEQDSKDSTYSLSSTLTLSKADYEKHKVYACEVTHQGLSSPVTKSFNRGEC
;
B,L
3 'polypeptide(L)'
;LDSPDRPWNPPTFSPALLVVTEGDNATFTCSFSNTSESFVLNWYRMSPSNQTDKLAAFPEDRSQPGQDCRFRVTQLPNGR
DFHMSVVRARRNDSGTYLCGAISLAPKAQIKESLRAELRVTERRAEVPTAHPSPSPRPAGQFQTLENLYFQ
;
C,P
#
loop_
_chem_comp.id
_chem_comp.type
_chem_comp.name
_chem_comp.formula
NAG D-saccharide, beta linking 2-acetamido-2-deoxy-beta-D-glucopyranose 'C8 H15 N O6'
#
# COMPACT_ATOMS: atom_id res chain seq x y z
N GLN A 1 -1.25 -39.75 -2.51
CA GLN A 1 -0.49 -38.82 -1.68
C GLN A 1 0.63 -38.18 -2.48
N VAL A 2 0.27 -37.24 -3.36
CA VAL A 2 1.22 -36.46 -4.12
C VAL A 2 1.53 -35.21 -3.30
N GLN A 3 2.78 -35.06 -2.90
CA GLN A 3 3.17 -34.09 -1.88
C GLN A 3 4.43 -33.36 -2.32
N LEU A 4 4.47 -32.07 -1.98
CA LEU A 4 5.66 -31.24 -2.14
C LEU A 4 5.84 -30.44 -0.87
N GLN A 5 7.04 -30.44 -0.31
CA GLN A 5 7.34 -29.64 0.88
C GLN A 5 8.56 -28.78 0.61
N GLU A 6 8.42 -27.48 0.84
CA GLU A 6 9.52 -26.55 0.68
C GLU A 6 10.26 -26.35 2.00
N SER A 7 11.52 -25.98 1.87
CA SER A 7 12.39 -25.69 3.00
C SER A 7 13.42 -24.66 2.54
N GLY A 8 13.89 -23.86 3.48
CA GLY A 8 14.82 -22.81 3.17
C GLY A 8 14.91 -21.77 4.26
N PRO A 9 15.87 -20.85 4.13
CA PRO A 9 16.09 -19.83 5.16
C PRO A 9 14.87 -18.92 5.31
N GLY A 10 14.45 -18.72 6.56
CA GLY A 10 13.40 -17.74 6.83
C GLY A 10 13.89 -16.31 6.81
N LEU A 11 15.20 -16.10 6.90
CA LEU A 11 15.81 -14.78 6.85
C LEU A 11 17.03 -14.83 5.94
N VAL A 12 17.07 -13.95 4.94
CA VAL A 12 18.26 -13.74 4.12
C VAL A 12 18.57 -12.24 4.07
N LYS A 13 19.83 -11.90 4.21
CA LYS A 13 20.25 -10.51 4.17
C LYS A 13 20.34 -10.04 2.72
N PRO A 14 20.10 -8.76 2.45
CA PRO A 14 20.06 -8.30 1.06
C PRO A 14 21.38 -8.56 0.34
N SER A 15 21.29 -8.86 -0.95
CA SER A 15 22.38 -9.18 -1.87
C SER A 15 23.00 -10.55 -1.63
N GLU A 16 22.44 -11.35 -0.74
CA GLU A 16 22.85 -12.75 -0.60
C GLU A 16 22.36 -13.54 -1.82
N THR A 17 22.56 -14.86 -1.77
CA THR A 17 21.96 -15.78 -2.72
C THR A 17 20.98 -16.65 -1.94
N LEU A 18 19.73 -16.66 -2.38
CA LEU A 18 18.66 -17.34 -1.67
C LEU A 18 18.43 -18.71 -2.29
N SER A 19 18.43 -19.74 -1.45
CA SER A 19 18.32 -21.12 -1.93
C SER A 19 17.18 -21.80 -1.20
N LEU A 20 16.24 -22.38 -1.97
CA LEU A 20 15.14 -23.15 -1.41
C LEU A 20 15.12 -24.53 -2.05
N THR A 21 14.61 -25.49 -1.29
CA THR A 21 14.50 -26.87 -1.75
C THR A 21 13.05 -27.32 -1.64
N CYS A 22 12.64 -28.20 -2.55
CA CYS A 22 11.31 -28.76 -2.58
C CYS A 22 11.47 -30.27 -2.67
N THR A 23 11.13 -30.95 -1.58
CA THR A 23 11.18 -32.40 -1.50
C THR A 23 9.83 -32.98 -1.92
N VAL A 24 9.89 -34.02 -2.73
CA VAL A 24 8.73 -34.55 -3.43
C VAL A 24 8.44 -35.97 -2.94
N SER A 25 7.15 -36.28 -2.79
CA SER A 25 6.71 -37.61 -2.46
C SER A 25 5.51 -37.94 -3.33
N GLY A 26 5.43 -39.18 -3.80
CA GLY A 26 4.28 -39.60 -4.58
C GLY A 26 4.44 -39.52 -6.07
N PHE A 27 5.58 -39.05 -6.57
CA PHE A 27 5.87 -39.12 -8.00
C PHE A 27 7.37 -38.92 -8.19
N SER A 28 7.83 -39.25 -9.39
CA SER A 28 9.23 -39.10 -9.76
C SER A 28 9.41 -37.86 -10.62
N LEU A 29 10.52 -37.15 -10.39
CA LEU A 29 10.79 -35.93 -11.13
C LEU A 29 11.14 -36.17 -12.60
N THR A 30 11.30 -37.43 -13.01
CA THR A 30 11.59 -37.70 -14.41
C THR A 30 10.35 -37.54 -15.29
N SER A 31 9.16 -37.71 -14.72
CA SER A 31 7.93 -37.73 -15.49
C SER A 31 7.08 -36.48 -15.30
N TYR A 32 7.43 -35.59 -14.38
CA TYR A 32 6.63 -34.41 -14.09
C TYR A 32 7.51 -33.17 -14.01
N GLY A 33 7.01 -32.06 -14.57
CA GLY A 33 7.67 -30.79 -14.41
C GLY A 33 7.28 -30.11 -13.11
N VAL A 34 8.22 -29.36 -12.54
CA VAL A 34 8.01 -28.66 -11.29
C VAL A 34 8.18 -27.16 -11.52
N HIS A 35 7.20 -26.39 -11.07
CA HIS A 35 7.20 -24.95 -11.15
C HIS A 35 7.48 -24.34 -9.79
N TRP A 36 8.15 -23.20 -9.80
CA TRP A 36 8.29 -22.33 -8.64
C TRP A 36 7.47 -21.09 -8.88
N ILE A 37 6.61 -20.76 -7.89
CA ILE A 37 5.69 -19.63 -7.93
C ILE A 37 5.89 -18.82 -6.66
N ARG A 38 5.61 -17.53 -6.72
CA ARG A 38 5.93 -16.62 -5.64
C ARG A 38 4.74 -15.71 -5.35
N GLN A 39 4.60 -15.32 -4.08
CA GLN A 39 3.49 -14.49 -3.62
C GLN A 39 3.97 -13.49 -2.58
N PRO A 40 4.15 -12.23 -2.95
CA PRO A 40 4.48 -11.19 -1.97
C PRO A 40 3.34 -11.00 -0.98
N PRO A 41 3.60 -10.37 0.15
CA PRO A 41 2.52 -10.19 1.15
C PRO A 41 1.39 -9.35 0.59
N GLY A 42 0.17 -9.89 0.65
CA GLY A 42 -1.01 -9.19 0.18
C GLY A 42 -1.06 -8.99 -1.32
N LYS A 43 0.01 -9.31 -2.05
CA LYS A 43 0.05 -9.18 -3.49
C LYS A 43 -0.38 -10.50 -4.13
N GLY A 44 -0.35 -10.54 -5.47
CA GLY A 44 -0.85 -11.68 -6.19
C GLY A 44 0.22 -12.74 -6.38
N LEU A 45 -0.15 -13.77 -7.13
CA LEU A 45 0.80 -14.84 -7.44
C LEU A 45 1.64 -14.44 -8.64
N GLU A 46 2.95 -14.69 -8.54
CA GLU A 46 3.86 -14.46 -9.65
C GLU A 46 4.57 -15.76 -9.99
N TRP A 47 4.55 -16.12 -11.27
CA TRP A 47 5.22 -17.32 -11.73
C TRP A 47 6.73 -17.05 -11.83
N ILE A 48 7.51 -17.92 -11.19
CA ILE A 48 8.96 -17.73 -11.17
C ILE A 48 9.56 -18.51 -12.31
N GLY A 49 9.34 -19.82 -12.32
CA GLY A 49 9.96 -20.62 -13.36
C GLY A 49 9.50 -22.06 -13.31
N VAL A 50 10.08 -22.85 -14.21
CA VAL A 50 9.72 -24.26 -14.35
C VAL A 50 10.96 -25.04 -14.79
N ILE A 51 11.11 -26.23 -14.22
CA ILE A 51 12.03 -27.24 -14.73
C ILE A 51 11.17 -28.41 -15.23
N TYR A 52 11.30 -28.72 -16.51
CA TYR A 52 10.45 -29.72 -17.16
C TYR A 52 10.93 -31.13 -16.82
N ALA A 53 10.23 -32.12 -17.40
CA ALA A 53 10.58 -33.51 -17.16
C ALA A 53 11.98 -33.83 -17.67
N ASP A 54 12.28 -33.43 -18.91
CA ASP A 54 13.59 -33.70 -19.48
C ASP A 54 14.69 -33.02 -18.69
N GLY A 55 14.53 -31.73 -18.41
CA GLY A 55 15.51 -30.99 -17.64
C GLY A 55 15.73 -29.58 -18.15
N SER A 56 15.18 -29.28 -19.32
CA SER A 56 15.24 -27.92 -19.84
C SER A 56 14.47 -26.98 -18.91
N THR A 57 15.03 -25.81 -18.67
CA THR A 57 14.44 -24.86 -17.76
C THR A 57 13.76 -23.72 -18.52
N ASN A 58 12.93 -22.97 -17.80
CA ASN A 58 12.31 -21.78 -18.38
C ASN A 58 11.89 -20.86 -17.26
N TYR A 59 12.31 -19.60 -17.34
CA TYR A 59 12.11 -18.64 -16.26
C TYR A 59 11.31 -17.43 -16.72
N ASN A 60 10.91 -16.62 -15.75
CA ASN A 60 10.24 -15.35 -16.02
C ASN A 60 11.27 -14.30 -16.40
N PRO A 61 11.10 -13.61 -17.53
CA PRO A 61 12.11 -12.63 -17.95
C PRO A 61 12.37 -11.51 -16.95
N SER A 62 11.40 -11.19 -16.10
CA SER A 62 11.66 -10.11 -15.12
C SER A 62 12.81 -10.53 -14.20
N LEU A 63 13.07 -11.83 -14.10
CA LEU A 63 14.22 -12.37 -13.33
C LEU A 63 15.25 -12.71 -14.41
N LYS A 64 15.85 -11.66 -14.95
CA LYS A 64 16.69 -11.72 -16.18
C LYS A 64 17.79 -12.77 -16.11
N SER A 65 18.53 -12.87 -15.00
CA SER A 65 19.60 -13.89 -14.93
C SER A 65 19.96 -14.16 -13.47
N ARG A 66 19.12 -13.68 -12.56
CA ARG A 66 19.39 -13.91 -11.15
C ARG A 66 18.84 -15.25 -10.67
N VAL A 67 18.03 -15.92 -11.49
CA VAL A 67 17.29 -17.11 -11.09
C VAL A 67 17.93 -18.33 -11.74
N THR A 68 17.94 -19.45 -11.01
CA THR A 68 18.47 -20.71 -11.51
C THR A 68 17.70 -21.85 -10.85
N ILE A 69 17.10 -22.72 -11.65
CA ILE A 69 16.31 -23.84 -11.16
C ILE A 69 17.00 -25.14 -11.59
N SER A 70 17.25 -26.02 -10.62
CA SER A 70 17.88 -27.30 -10.90
C SER A 70 17.13 -28.39 -10.16
N LYS A 71 17.53 -29.65 -10.41
CA LYS A 71 16.90 -30.77 -9.72
C LYS A 71 17.89 -31.91 -9.56
N ASP A 72 17.70 -32.67 -8.48
CA ASP A 72 18.37 -33.95 -8.25
C ASP A 72 17.29 -34.99 -8.07
N THR A 73 17.19 -35.92 -9.03
CA THR A 73 16.15 -36.95 -8.97
C THR A 73 16.45 -38.01 -7.93
N SER A 74 17.73 -38.28 -7.65
CA SER A 74 18.09 -39.27 -6.65
C SER A 74 17.50 -38.93 -5.29
N LYS A 75 17.49 -37.64 -4.92
CA LYS A 75 16.91 -37.21 -3.66
C LYS A 75 15.44 -36.80 -3.79
N ASN A 76 14.87 -36.91 -4.98
CA ASN A 76 13.53 -36.40 -5.27
C ASN A 76 13.39 -34.94 -4.86
N GLN A 77 14.38 -34.13 -5.27
CA GLN A 77 14.47 -32.75 -4.79
C GLN A 77 14.62 -31.78 -5.96
N VAL A 78 13.92 -30.66 -5.88
CA VAL A 78 14.06 -29.56 -6.83
C VAL A 78 14.55 -28.33 -6.07
N SER A 79 15.55 -27.63 -6.63
CA SER A 79 16.17 -26.52 -5.93
C SER A 79 16.07 -25.23 -6.74
N LEU A 80 15.78 -24.13 -6.04
CA LEU A 80 15.69 -22.79 -6.61
C LEU A 80 16.77 -21.94 -5.98
N LYS A 81 17.54 -21.24 -6.81
CA LYS A 81 18.55 -20.30 -6.31
C LYS A 81 18.36 -18.96 -7.00
N LEU A 82 18.22 -17.90 -6.21
CA LEU A 82 18.01 -16.56 -6.73
C LEU A 82 19.08 -15.63 -6.18
N SER A 83 19.87 -15.04 -7.07
CA SER A 83 21.05 -14.26 -6.71
C SER A 83 20.72 -12.77 -6.60
N SER A 84 21.54 -12.07 -5.81
CA SER A 84 21.48 -10.61 -5.66
C SER A 84 20.07 -10.14 -5.31
N VAL A 85 19.57 -10.66 -4.19
CA VAL A 85 18.20 -10.37 -3.78
C VAL A 85 18.11 -8.97 -3.17
N THR A 86 16.90 -8.42 -3.21
CA THR A 86 16.56 -7.15 -2.58
C THR A 86 15.27 -7.35 -1.79
N ALA A 87 14.82 -6.28 -1.12
CA ALA A 87 13.57 -6.36 -0.37
C ALA A 87 12.37 -6.61 -1.26
N ALA A 88 12.52 -6.48 -2.58
CA ALA A 88 11.47 -6.84 -3.52
C ALA A 88 11.27 -8.36 -3.65
N ASP A 89 12.10 -9.17 -2.99
CA ASP A 89 12.05 -10.62 -3.12
C ASP A 89 11.45 -11.33 -1.91
N THR A 90 11.15 -10.62 -0.84
CA THR A 90 10.54 -11.26 0.32
C THR A 90 9.09 -11.62 0.01
N ALA A 91 8.77 -12.90 0.13
CA ALA A 91 7.49 -13.43 -0.31
C ALA A 91 7.39 -14.88 0.15
N VAL A 92 6.23 -15.48 -0.08
CA VAL A 92 6.06 -16.92 0.11
C VAL A 92 6.37 -17.60 -1.21
N TYR A 93 7.16 -18.67 -1.15
CA TYR A 93 7.58 -19.41 -2.34
C TYR A 93 6.94 -20.78 -2.30
N TYR A 94 6.20 -21.12 -3.35
CA TYR A 94 5.59 -22.43 -3.53
C TYR A 94 6.32 -23.19 -4.64
N CYS A 95 6.47 -24.50 -4.43
CA CYS A 95 6.74 -25.41 -5.53
C CYS A 95 5.47 -26.16 -5.84
N ALA A 96 5.32 -26.54 -7.12
CA ALA A 96 4.06 -27.11 -7.57
C ALA A 96 4.30 -28.00 -8.77
N ARG A 97 3.45 -29.01 -8.92
CA ARG A 97 3.61 -29.98 -9.99
C ARG A 97 2.75 -29.59 -11.18
N ALA A 98 3.31 -29.73 -12.38
CA ALA A 98 2.55 -29.56 -13.61
C ALA A 98 2.14 -30.94 -14.10
N TYR A 99 0.87 -31.10 -14.41
CA TYR A 99 0.30 -32.40 -14.74
C TYR A 99 -0.09 -32.47 -16.20
N GLY A 100 0.34 -33.53 -16.86
CA GLY A 100 -0.15 -33.88 -18.18
C GLY A 100 0.56 -33.15 -19.31
N ASN A 101 0.52 -33.77 -20.49
CA ASN A 101 0.88 -33.08 -21.71
C ASN A 101 -0.16 -32.01 -21.97
N TYR A 102 0.29 -30.82 -22.42
CA TYR A 102 -0.55 -29.62 -22.35
C TYR A 102 -0.94 -29.44 -20.89
N TRP A 103 -0.03 -28.87 -20.09
CA TRP A 103 -0.03 -29.09 -18.65
C TRP A 103 -0.91 -28.09 -17.92
N TYR A 104 -1.17 -28.40 -16.65
CA TYR A 104 -1.75 -27.48 -15.69
C TYR A 104 -1.16 -27.82 -14.32
N ILE A 105 -1.17 -26.83 -13.43
CA ILE A 105 -0.64 -26.99 -12.08
C ILE A 105 -1.75 -27.58 -11.21
N ASP A 106 -1.50 -28.77 -10.65
CA ASP A 106 -2.51 -29.46 -9.85
C ASP A 106 -2.22 -29.45 -8.35
N VAL A 107 -1.03 -29.88 -7.94
CA VAL A 107 -0.68 -30.03 -6.52
C VAL A 107 0.35 -28.99 -6.16
N TRP A 108 0.06 -28.21 -5.12
CA TRP A 108 0.96 -27.20 -4.59
C TRP A 108 1.57 -27.66 -3.28
N GLY A 109 2.83 -27.25 -3.05
CA GLY A 109 3.43 -27.39 -1.75
C GLY A 109 2.76 -26.45 -0.77
N GLN A 110 3.18 -26.54 0.49
CA GLN A 110 2.61 -25.65 1.49
C GLN A 110 3.22 -24.26 1.45
N GLY A 111 4.29 -24.06 0.67
CA GLY A 111 4.93 -22.77 0.58
C GLY A 111 5.75 -22.44 1.80
N THR A 112 6.96 -21.92 1.60
CA THR A 112 7.79 -21.43 2.70
C THR A 112 8.03 -19.94 2.49
N THR A 113 7.95 -19.18 3.58
CA THR A 113 8.02 -17.74 3.52
C THR A 113 9.46 -17.27 3.77
N VAL A 114 9.93 -16.36 2.91
CA VAL A 114 11.30 -15.88 2.91
C VAL A 114 11.25 -14.37 3.04
N THR A 115 12.00 -13.83 4.01
CA THR A 115 12.08 -12.39 4.24
C THR A 115 13.49 -11.91 3.94
N VAL A 116 13.60 -10.85 3.14
CA VAL A 116 14.87 -10.22 2.82
C VAL A 116 15.02 -9.00 3.71
N SER A 117 16.04 -9.00 4.57
CA SER A 117 16.21 -7.92 5.53
C SER A 117 17.65 -7.89 6.04
N SER A 118 18.21 -6.68 6.13
CA SER A 118 19.49 -6.52 6.83
C SER A 118 19.31 -6.70 8.32
N ALA A 119 18.11 -6.46 8.85
CA ALA A 119 17.86 -6.52 10.27
C ALA A 119 18.12 -7.92 10.83
N SER A 120 18.22 -8.00 12.15
CA SER A 120 18.58 -9.21 12.85
C SER A 120 17.32 -9.94 13.32
N THR A 121 17.39 -11.26 13.34
CA THR A 121 16.27 -12.08 13.78
C THR A 121 16.04 -11.92 15.27
N LYS A 122 14.77 -12.02 15.67
CA LYS A 122 14.38 -11.89 17.07
C LYS A 122 13.18 -12.78 17.33
N GLY A 123 13.26 -13.59 18.39
CA GLY A 123 12.19 -14.49 18.74
C GLY A 123 11.12 -13.80 19.54
N PRO A 124 9.92 -14.39 19.59
CA PRO A 124 8.81 -13.76 20.29
C PRO A 124 8.81 -14.09 21.77
N SER A 125 8.07 -13.28 22.52
CA SER A 125 7.67 -13.63 23.87
C SER A 125 6.17 -13.85 23.88
N VAL A 126 5.73 -14.91 24.58
CA VAL A 126 4.33 -15.32 24.60
C VAL A 126 3.79 -15.13 26.00
N PHE A 127 2.63 -14.49 26.09
CA PHE A 127 2.02 -14.14 27.37
C PHE A 127 0.61 -14.71 27.41
N PRO A 128 0.15 -15.18 28.57
CA PRO A 128 -1.22 -15.70 28.66
C PRO A 128 -2.25 -14.59 28.71
N LEU A 129 -3.44 -14.89 28.19
CA LEU A 129 -4.58 -13.97 28.19
C LEU A 129 -5.75 -14.68 28.86
N ALA A 130 -6.02 -14.33 30.11
CA ALA A 130 -7.15 -14.87 30.84
C ALA A 130 -7.94 -13.73 31.48
N PRO A 131 -9.25 -13.89 31.66
CA PRO A 131 -10.05 -12.79 32.22
C PRO A 131 -9.66 -12.47 33.66
N CYS A 132 -9.66 -11.17 33.97
CA CYS A 132 -9.40 -10.71 35.34
C CYS A 132 -10.43 -11.26 36.32
N SER A 133 -11.70 -10.97 36.07
CA SER A 133 -12.78 -11.49 36.88
C SER A 133 -13.02 -12.94 36.51
N ARG A 134 -12.70 -13.88 37.40
CA ARG A 134 -12.95 -15.32 37.11
C ARG A 134 -14.45 -15.47 36.84
N SER A 135 -14.83 -16.18 35.78
CA SER A 135 -16.26 -16.16 35.39
C SER A 135 -17.17 -16.66 36.49
N THR A 136 -18.33 -16.02 36.61
CA THR A 136 -19.34 -16.39 37.63
C THR A 136 -20.63 -16.74 36.90
N SER A 137 -21.31 -15.70 36.42
CA SER A 137 -22.61 -15.74 35.70
C SER A 137 -22.36 -15.80 34.20
N GLU A 138 -21.09 -15.79 33.79
CA GLU A 138 -20.77 -15.78 32.34
C GLU A 138 -20.87 -17.20 31.79
N SER A 139 -21.82 -17.41 30.87
CA SER A 139 -22.03 -18.74 30.25
C SER A 139 -20.84 -19.16 29.39
N THR A 140 -20.24 -18.25 28.63
CA THR A 140 -19.12 -18.63 27.72
C THR A 140 -17.83 -17.91 28.13
N ALA A 141 -16.71 -18.62 28.15
CA ALA A 141 -15.42 -18.04 28.58
C ALA A 141 -14.46 -18.00 27.39
N ALA A 142 -13.55 -17.02 27.36
CA ALA A 142 -12.60 -16.86 26.27
C ALA A 142 -11.21 -16.82 26.89
N LEU A 143 -10.31 -17.60 26.32
CA LEU A 143 -8.90 -17.60 26.72
C LEU A 143 -8.04 -17.27 25.53
N GLY A 144 -6.77 -17.01 25.78
CA GLY A 144 -5.88 -16.76 24.65
C GLY A 144 -4.44 -16.65 25.09
N CYS A 145 -3.60 -16.29 24.12
CA CYS A 145 -2.22 -15.99 24.41
C CYS A 145 -1.66 -15.08 23.32
N LEU A 146 -0.95 -14.05 23.78
CA LEU A 146 -0.44 -12.96 22.97
C LEU A 146 1.02 -13.24 22.62
N VAL A 147 1.32 -13.34 21.33
CA VAL A 147 2.66 -13.60 20.83
C VAL A 147 3.21 -12.27 20.33
N LYS A 148 4.19 -11.70 21.04
CA LYS A 148 4.57 -10.32 20.83
C LYS A 148 6.07 -10.21 20.54
N ASP A 149 6.40 -9.23 19.69
CA ASP A 149 7.77 -8.73 19.50
C ASP A 149 8.67 -9.82 18.91
N TYR A 150 8.35 -10.18 17.67
CA TYR A 150 9.12 -11.16 16.91
C TYR A 150 9.36 -10.68 15.49
N PHE A 151 10.35 -11.30 14.84
CA PHE A 151 10.71 -10.97 13.45
C PHE A 151 11.63 -12.08 12.95
N PRO A 152 11.53 -12.49 11.67
CA PRO A 152 10.46 -12.12 10.78
C PRO A 152 9.30 -13.11 10.84
N GLU A 153 8.43 -13.07 9.83
CA GLU A 153 7.28 -14.02 9.76
C GLU A 153 7.82 -15.38 9.29
N PRO A 154 7.14 -16.51 9.56
CA PRO A 154 5.81 -16.56 10.19
C PRO A 154 5.83 -17.33 11.52
N VAL A 155 4.87 -17.03 12.41
CA VAL A 155 4.80 -17.72 13.73
C VAL A 155 3.54 -18.59 13.73
N THR A 156 3.66 -19.86 14.12
CA THR A 156 2.50 -20.79 14.15
C THR A 156 2.05 -20.98 15.60
N VAL A 157 0.73 -20.95 15.81
CA VAL A 157 0.09 -21.10 17.11
C VAL A 157 -0.97 -22.18 17.01
N SER A 158 -0.80 -23.25 17.76
CA SER A 158 -1.83 -24.27 17.95
C SER A 158 -2.28 -24.24 19.41
N TRP A 159 -3.36 -24.97 19.68
CA TRP A 159 -3.86 -25.10 21.05
C TRP A 159 -3.92 -26.57 21.41
N ASN A 160 -3.31 -26.91 22.54
CA ASN A 160 -3.25 -28.28 23.05
C ASN A 160 -2.75 -29.25 21.98
N SER A 161 -1.69 -28.85 21.29
CA SER A 161 -1.07 -29.64 20.22
C SER A 161 -2.10 -30.16 19.21
N GLY A 162 -2.94 -29.25 18.73
CA GLY A 162 -3.88 -29.57 17.68
C GLY A 162 -5.14 -30.30 18.11
N ALA A 163 -5.27 -30.64 19.39
CA ALA A 163 -6.46 -31.35 19.84
C ALA A 163 -7.66 -30.42 19.97
N LEU A 164 -7.43 -29.12 20.12
CA LEU A 164 -8.50 -28.13 20.26
C LEU A 164 -8.39 -27.17 19.07
N THR A 165 -9.31 -27.30 18.11
CA THR A 165 -9.31 -26.44 16.93
C THR A 165 -10.61 -25.71 16.70
N SER A 166 -11.74 -26.33 17.01
CA SER A 166 -13.05 -25.70 16.79
C SER A 166 -13.20 -24.45 17.67
N GLY A 167 -13.55 -23.34 17.03
CA GLY A 167 -13.76 -22.08 17.73
C GLY A 167 -12.48 -21.34 18.08
N VAL A 168 -11.37 -21.67 17.45
CA VAL A 168 -10.10 -20.99 17.68
C VAL A 168 -9.93 -19.91 16.63
N HIS A 169 -9.62 -18.69 17.05
CA HIS A 169 -9.27 -17.60 16.14
C HIS A 169 -7.87 -17.13 16.48
N THR A 170 -6.94 -17.31 15.54
CA THR A 170 -5.63 -16.70 15.64
C THR A 170 -5.62 -15.53 14.67
N PHE A 171 -5.37 -14.34 15.19
CA PHE A 171 -5.51 -13.16 14.35
C PHE A 171 -4.26 -12.99 13.49
N PRO A 172 -4.41 -12.34 12.34
CA PRO A 172 -3.23 -12.05 11.51
C PRO A 172 -2.23 -11.17 12.25
N ALA A 173 -0.96 -11.41 11.97
CA ALA A 173 0.09 -10.62 12.61
C ALA A 173 -0.04 -9.16 12.20
N VAL A 174 0.22 -8.27 13.15
CA VAL A 174 0.14 -6.83 12.93
C VAL A 174 1.48 -6.22 13.33
N LEU A 175 1.92 -5.24 12.57
CA LEU A 175 3.23 -4.64 12.74
C LEU A 175 3.16 -3.49 13.74
N GLN A 176 4.11 -3.47 14.67
CA GLN A 176 4.14 -2.49 15.74
C GLN A 176 5.03 -1.29 15.39
N SER A 177 5.00 -0.30 16.27
CA SER A 177 5.88 0.86 16.12
C SER A 177 7.34 0.46 16.22
N SER A 178 7.63 -0.63 16.93
CA SER A 178 9.01 -1.10 17.07
C SER A 178 9.55 -1.74 15.80
N GLY A 179 8.70 -1.98 14.80
CA GLY A 179 9.11 -2.72 13.63
C GLY A 179 9.03 -4.22 13.80
N LEU A 180 8.42 -4.68 14.89
CA LEU A 180 8.28 -6.09 15.23
C LEU A 180 6.84 -6.52 15.08
N TYR A 181 6.64 -7.82 14.88
CA TYR A 181 5.31 -8.37 14.68
C TYR A 181 4.69 -8.76 16.01
N SER A 182 3.37 -8.73 16.06
CA SER A 182 2.65 -9.16 17.26
C SER A 182 1.26 -9.61 16.85
N LEU A 183 0.84 -10.76 17.39
CA LEU A 183 -0.49 -11.29 17.15
C LEU A 183 -1.02 -11.85 18.46
N SER A 184 -2.29 -12.25 18.43
CA SER A 184 -2.89 -12.93 19.57
C SER A 184 -3.73 -14.09 19.05
N SER A 185 -3.82 -15.15 19.87
CA SER A 185 -4.62 -16.31 19.52
C SER A 185 -5.60 -16.56 20.66
N VAL A 186 -6.90 -16.54 20.35
CA VAL A 186 -7.94 -16.77 21.34
C VAL A 186 -8.73 -18.02 21.00
N VAL A 187 -9.39 -18.55 22.03
CA VAL A 187 -10.23 -19.73 21.94
C VAL A 187 -11.42 -19.51 22.85
N THR A 188 -12.59 -19.99 22.42
CA THR A 188 -13.83 -19.83 23.17
C THR A 188 -14.28 -21.18 23.71
N VAL A 189 -14.51 -21.25 25.02
CA VAL A 189 -14.89 -22.51 25.66
C VAL A 189 -16.11 -22.26 26.54
N PRO A 190 -16.88 -23.31 26.80
CA PRO A 190 -17.90 -23.21 27.85
C PRO A 190 -17.25 -23.07 29.21
N SER A 191 -17.76 -22.14 30.02
CA SER A 191 -17.11 -21.84 31.30
C SER A 191 -17.24 -22.97 32.31
N SER A 192 -18.10 -23.95 32.07
CA SER A 192 -18.11 -25.14 32.91
C SER A 192 -16.80 -25.90 32.79
N SER A 193 -16.13 -25.79 31.64
CA SER A 193 -14.93 -26.57 31.35
C SER A 193 -13.66 -25.83 31.75
N LEU A 194 -13.74 -24.86 32.65
CA LEU A 194 -12.57 -24.07 33.02
C LEU A 194 -11.81 -24.72 34.17
N GLY A 195 -12.52 -25.28 35.15
CA GLY A 195 -11.87 -25.93 36.27
C GLY A 195 -11.36 -27.32 35.97
N THR A 196 -11.91 -27.98 34.95
CA THR A 196 -11.54 -29.35 34.63
C THR A 196 -10.40 -29.43 33.62
N LYS A 197 -10.50 -28.71 32.51
CA LYS A 197 -9.53 -28.82 31.41
C LYS A 197 -8.49 -27.70 31.49
N THR A 198 -7.23 -28.09 31.32
CA THR A 198 -6.12 -27.14 31.23
C THR A 198 -5.86 -26.82 29.75
N TYR A 199 -5.70 -25.55 29.45
CA TYR A 199 -5.52 -25.08 28.07
C TYR A 199 -4.12 -24.48 27.94
N THR A 200 -3.28 -25.14 27.14
CA THR A 200 -1.92 -24.65 26.87
C THR A 200 -1.80 -24.31 25.39
N CYS A 201 -1.34 -23.10 25.10
CA CYS A 201 -1.11 -22.71 23.70
C CYS A 201 0.33 -23.00 23.30
N ASN A 202 0.51 -23.60 22.12
CA ASN A 202 1.81 -23.99 21.59
C ASN A 202 2.18 -23.04 20.46
N VAL A 203 3.11 -22.14 20.74
CA VAL A 203 3.65 -21.21 19.75
C VAL A 203 5.03 -21.69 19.34
N ASP A 204 5.32 -21.62 18.05
CA ASP A 204 6.72 -21.74 17.64
C ASP A 204 7.04 -20.79 16.50
N HIS A 205 8.32 -20.41 16.46
CA HIS A 205 8.87 -19.42 15.56
C HIS A 205 10.14 -20.00 14.96
N LYS A 206 10.12 -20.23 13.65
CA LYS A 206 11.20 -20.98 13.01
C LYS A 206 12.51 -20.19 12.91
N PRO A 207 12.54 -18.97 12.34
CA PRO A 207 13.85 -18.33 12.09
C PRO A 207 14.75 -18.23 13.31
N SER A 208 14.11 -18.19 14.48
CA SER A 208 14.82 -18.07 15.78
C SER A 208 14.77 -19.41 16.53
N ASN A 209 14.19 -20.44 15.91
CA ASN A 209 14.11 -21.78 16.55
C ASN A 209 13.47 -21.66 17.94
N THR A 210 12.35 -20.95 18.04
CA THR A 210 11.69 -20.74 19.35
C THR A 210 10.46 -21.66 19.47
N LYS A 211 10.38 -22.40 20.58
CA LYS A 211 9.25 -23.32 20.87
C LYS A 211 8.78 -23.04 22.30
N VAL A 212 7.48 -22.80 22.49
CA VAL A 212 6.93 -22.45 23.79
C VAL A 212 5.53 -23.04 23.92
N ASP A 213 5.25 -23.65 25.07
CA ASP A 213 3.90 -24.07 25.46
C ASP A 213 3.54 -23.30 26.72
N LYS A 214 2.55 -22.42 26.62
CA LYS A 214 2.19 -21.49 27.69
C LYS A 214 0.87 -21.90 28.33
N ARG A 215 0.87 -22.00 29.66
CA ARG A 215 -0.33 -22.30 30.42
C ARG A 215 -1.29 -21.11 30.40
N VAL A 216 -2.57 -21.39 30.13
CA VAL A 216 -3.64 -20.39 30.23
C VAL A 216 -4.70 -20.98 31.15
N GLU A 217 -4.87 -20.39 32.33
CA GLU A 217 -5.89 -20.88 33.25
C GLU A 217 -6.50 -19.80 34.13
N SER A 218 -5.79 -18.69 34.32
CA SER A 218 -6.25 -17.60 35.19
C SER A 218 -7.64 -17.10 34.80
N ASP B 1 4.53 -9.78 -22.68
CA ASP B 1 4.06 -11.07 -22.19
C ASP B 1 2.55 -11.14 -22.32
N ILE B 2 1.92 -12.01 -21.55
CA ILE B 2 0.47 -12.17 -21.51
C ILE B 2 -0.02 -11.76 -20.15
N VAL B 3 -1.00 -10.85 -20.10
CA VAL B 3 -1.59 -10.38 -18.86
C VAL B 3 -3.01 -10.92 -18.77
N MET B 4 -3.32 -11.58 -17.66
CA MET B 4 -4.69 -11.99 -17.35
C MET B 4 -5.30 -10.98 -16.38
N THR B 5 -6.49 -10.49 -16.73
CA THR B 5 -7.18 -9.48 -15.94
C THR B 5 -8.49 -10.06 -15.46
N GLN B 6 -8.68 -10.06 -14.13
CA GLN B 6 -9.89 -10.57 -13.53
C GLN B 6 -10.85 -9.44 -13.19
N SER B 7 -12.13 -9.78 -13.12
CA SER B 7 -13.20 -8.83 -12.90
C SER B 7 -14.27 -9.52 -12.07
N PRO B 8 -14.70 -8.94 -10.94
CA PRO B 8 -14.16 -7.71 -10.34
C PRO B 8 -12.92 -7.96 -9.48
N ASP B 9 -12.42 -6.92 -8.81
CA ASP B 9 -11.31 -7.10 -7.88
C ASP B 9 -11.76 -7.80 -6.61
N SER B 10 -12.89 -7.36 -6.04
CA SER B 10 -13.51 -8.02 -4.89
C SER B 10 -15.00 -8.17 -5.17
N LEU B 11 -15.64 -9.06 -4.42
CA LEU B 11 -16.99 -9.49 -4.76
C LEU B 11 -17.69 -10.01 -3.52
N ALA B 12 -18.86 -9.43 -3.20
CA ALA B 12 -19.64 -9.82 -2.04
C ALA B 12 -21.03 -10.27 -2.50
N VAL B 13 -21.33 -11.55 -2.32
CA VAL B 13 -22.61 -12.13 -2.70
C VAL B 13 -23.16 -12.94 -1.53
N SER B 14 -24.48 -12.88 -1.37
CA SER B 14 -25.13 -13.59 -0.24
C SER B 14 -25.05 -15.10 -0.45
N LEU B 15 -25.24 -15.86 0.63
CA LEU B 15 -25.24 -17.33 0.59
C LEU B 15 -26.29 -17.86 -0.37
N GLY B 16 -26.00 -19.04 -0.93
CA GLY B 16 -26.90 -19.73 -1.83
C GLY B 16 -27.07 -19.11 -3.19
N GLU B 17 -26.57 -17.90 -3.42
CA GLU B 17 -26.70 -17.24 -4.72
C GLU B 17 -25.57 -17.65 -5.65
N ARG B 18 -25.55 -17.07 -6.83
CA ARG B 18 -24.52 -17.49 -7.78
C ARG B 18 -23.49 -16.40 -7.88
N ALA B 19 -22.24 -16.81 -7.98
CA ALA B 19 -21.07 -15.93 -8.04
C ALA B 19 -20.30 -16.22 -9.32
N THR B 20 -20.00 -15.18 -10.08
CA THR B 20 -19.22 -15.32 -11.30
C THR B 20 -18.03 -14.39 -11.26
N ILE B 21 -16.86 -14.93 -11.61
CA ILE B 21 -15.63 -14.17 -11.73
C ILE B 21 -15.15 -14.33 -13.16
N ASN B 22 -14.77 -13.23 -13.80
CA ASN B 22 -14.37 -13.26 -15.20
C ASN B 22 -12.87 -13.02 -15.30
N CYS B 23 -12.27 -13.61 -16.33
CA CYS B 23 -10.84 -13.48 -16.57
C CYS B 23 -10.61 -13.38 -18.07
N LYS B 24 -9.89 -12.33 -18.46
CA LYS B 24 -9.65 -12.03 -19.87
C LYS B 24 -8.16 -11.92 -20.13
N SER B 25 -7.75 -12.39 -21.30
CA SER B 25 -6.36 -12.46 -21.71
C SER B 25 -6.06 -11.39 -22.74
N SER B 26 -4.84 -10.85 -22.69
CA SER B 26 -4.40 -9.90 -23.70
C SER B 26 -4.20 -10.59 -25.04
N GLU B 27 -3.38 -11.62 -25.03
CA GLU B 27 -3.13 -12.43 -26.26
C GLU B 27 -4.13 -13.58 -26.20
N SER B 28 -4.62 -14.05 -27.34
CA SER B 28 -5.59 -15.16 -27.27
C SER B 28 -4.88 -16.39 -26.70
N VAL B 29 -5.55 -17.08 -25.77
CA VAL B 29 -5.03 -18.33 -25.16
C VAL B 29 -6.11 -19.38 -25.41
N SER B 30 -5.77 -20.52 -25.99
CA SER B 30 -6.80 -21.51 -26.40
C SER B 30 -7.15 -22.51 -25.31
N ASN B 31 -7.86 -22.08 -24.27
CA ASN B 31 -8.41 -23.00 -23.23
C ASN B 31 -7.36 -23.56 -22.27
N ASP B 32 -6.12 -23.05 -22.28
CA ASP B 32 -5.14 -23.53 -21.29
C ASP B 32 -5.18 -22.58 -20.10
N VAL B 33 -6.30 -22.54 -19.38
CA VAL B 33 -6.50 -21.61 -18.25
C VAL B 33 -7.02 -22.44 -17.09
N ALA B 34 -6.45 -22.27 -15.91
CA ALA B 34 -6.93 -23.03 -14.75
C ALA B 34 -7.38 -22.06 -13.68
N TRP B 35 -8.41 -22.42 -12.94
CA TRP B 35 -8.92 -21.63 -11.84
C TRP B 35 -8.55 -22.28 -10.53
N TYR B 36 -7.94 -21.49 -9.64
CA TYR B 36 -7.50 -21.93 -8.32
C TYR B 36 -8.14 -21.06 -7.25
N GLN B 37 -8.55 -21.68 -6.15
CA GLN B 37 -8.94 -20.93 -4.97
C GLN B 37 -7.83 -21.01 -3.92
N GLN B 38 -7.68 -19.93 -3.16
CA GLN B 38 -6.70 -19.87 -2.09
C GLN B 38 -7.29 -19.10 -0.92
N LYS B 39 -7.34 -19.74 0.23
CA LYS B 39 -7.72 -19.13 1.49
C LYS B 39 -6.49 -18.73 2.29
N PRO B 40 -6.60 -17.76 3.19
CA PRO B 40 -5.40 -17.22 3.86
C PRO B 40 -4.66 -18.29 4.65
N GLY B 41 -3.36 -18.39 4.38
CA GLY B 41 -2.48 -19.29 5.10
C GLY B 41 -2.28 -20.66 4.50
N GLN B 42 -3.17 -21.10 3.62
CA GLN B 42 -3.01 -22.38 2.95
C GLN B 42 -2.64 -22.17 1.49
N PRO B 43 -2.10 -23.19 0.83
CA PRO B 43 -1.72 -23.03 -0.58
C PRO B 43 -2.95 -22.91 -1.47
N PRO B 44 -2.77 -22.40 -2.69
CA PRO B 44 -3.88 -22.43 -3.65
C PRO B 44 -4.26 -23.87 -3.97
N LYS B 45 -5.54 -24.09 -4.20
CA LYS B 45 -6.06 -25.40 -4.56
C LYS B 45 -6.82 -25.29 -5.88
N LEU B 46 -6.61 -26.27 -6.75
CA LEU B 46 -7.11 -26.20 -8.11
C LEU B 46 -8.61 -26.48 -8.13
N LEU B 47 -9.35 -25.63 -8.85
CA LEU B 47 -10.78 -25.80 -9.04
C LEU B 47 -11.10 -26.29 -10.44
N ILE B 48 -10.71 -25.52 -11.45
CA ILE B 48 -11.08 -25.88 -12.84
C ILE B 48 -9.82 -26.00 -13.69
N ASN B 49 -9.80 -26.96 -14.60
CA ASN B 49 -8.66 -27.13 -15.53
C ASN B 49 -9.20 -27.12 -16.95
N TYR B 50 -8.37 -26.73 -17.90
CA TYR B 50 -8.78 -26.72 -19.32
C TYR B 50 -10.01 -25.85 -19.55
N ALA B 51 -10.17 -24.79 -18.75
CA ALA B 51 -11.18 -23.77 -18.97
C ALA B 51 -12.60 -24.25 -18.67
N PHE B 52 -12.87 -25.55 -18.83
CA PHE B 52 -14.19 -26.11 -18.61
C PHE B 52 -14.24 -27.23 -17.58
N HIS B 53 -13.19 -28.05 -17.50
CA HIS B 53 -13.25 -29.29 -16.73
C HIS B 53 -13.20 -29.02 -15.23
N ARG B 54 -14.18 -29.54 -14.52
CA ARG B 54 -14.15 -29.54 -13.07
C ARG B 54 -13.11 -30.55 -12.60
N PHE B 55 -12.06 -30.07 -11.89
CA PHE B 55 -10.98 -30.93 -11.41
C PHE B 55 -11.54 -32.11 -10.62
N THR B 56 -10.78 -33.18 -10.48
CA THR B 56 -11.25 -34.32 -9.70
C THR B 56 -11.41 -33.92 -8.23
N GLY B 57 -12.57 -34.24 -7.66
CA GLY B 57 -12.81 -34.08 -6.24
C GLY B 57 -13.32 -32.72 -5.78
N VAL B 58 -13.51 -31.76 -6.67
CA VAL B 58 -13.99 -30.44 -6.28
C VAL B 58 -15.51 -30.40 -6.45
N PRO B 59 -16.26 -29.76 -5.53
CA PRO B 59 -17.71 -29.86 -5.56
C PRO B 59 -18.35 -29.45 -6.89
N ASP B 60 -19.60 -29.87 -7.05
CA ASP B 60 -20.33 -29.74 -8.31
C ASP B 60 -20.79 -28.31 -8.58
N ARG B 61 -20.78 -27.44 -7.57
CA ARG B 61 -21.25 -26.08 -7.78
C ARG B 61 -20.21 -25.20 -8.45
N PHE B 62 -18.98 -25.69 -8.60
CA PHE B 62 -17.94 -24.97 -9.32
C PHE B 62 -17.97 -25.40 -10.79
N SER B 63 -17.98 -24.42 -11.68
CA SER B 63 -17.95 -24.72 -13.11
C SER B 63 -17.15 -23.64 -13.81
N GLY B 64 -16.55 -23.99 -14.95
CA GLY B 64 -15.80 -23.06 -15.76
C GLY B 64 -16.31 -23.06 -17.18
N SER B 65 -16.21 -21.90 -17.83
CA SER B 65 -16.56 -21.81 -19.24
C SER B 65 -15.71 -20.73 -19.88
N GLY B 66 -15.62 -20.76 -21.20
CA GLY B 66 -14.90 -19.74 -21.94
C GLY B 66 -13.78 -20.34 -22.78
N TYR B 67 -13.27 -19.50 -23.68
CA TYR B 67 -12.26 -19.97 -24.62
C TYR B 67 -11.66 -18.78 -25.36
N GLY B 68 -10.37 -18.88 -25.66
CA GLY B 68 -9.68 -17.82 -26.36
C GLY B 68 -9.23 -16.71 -25.44
N THR B 69 -10.14 -15.80 -25.11
CA THR B 69 -9.77 -14.66 -24.28
C THR B 69 -10.69 -14.43 -23.11
N ASP B 70 -11.95 -14.86 -23.16
CA ASP B 70 -12.90 -14.67 -22.08
C ASP B 70 -13.20 -16.00 -21.40
N PHE B 71 -13.08 -16.01 -20.07
CA PHE B 71 -13.35 -17.18 -19.26
C PHE B 71 -14.12 -16.75 -18.02
N THR B 72 -14.97 -17.64 -17.53
CA THR B 72 -15.78 -17.39 -16.35
C THR B 72 -15.70 -18.58 -15.42
N LEU B 73 -15.36 -18.30 -14.16
CA LEU B 73 -15.57 -19.21 -13.05
C LEU B 73 -16.94 -18.90 -12.46
N THR B 74 -17.74 -19.94 -12.23
CA THR B 74 -19.09 -19.77 -11.70
C THR B 74 -19.32 -20.74 -10.56
N ILE B 75 -19.64 -20.20 -9.40
CA ILE B 75 -20.11 -20.98 -8.25
C ILE B 75 -21.63 -20.85 -8.23
N SER B 76 -22.31 -21.98 -8.25
CA SER B 76 -23.75 -21.99 -8.52
C SER B 76 -24.53 -21.55 -7.27
N SER B 77 -24.48 -22.36 -6.22
CA SER B 77 -25.12 -22.02 -4.95
C SER B 77 -24.00 -21.78 -3.94
N LEU B 78 -23.59 -20.52 -3.82
CA LEU B 78 -22.45 -20.19 -2.97
C LEU B 78 -22.78 -20.46 -1.51
N GLN B 79 -21.89 -21.16 -0.81
CA GLN B 79 -22.03 -21.39 0.62
C GLN B 79 -20.75 -20.99 1.33
N ALA B 80 -20.82 -21.03 2.66
CA ALA B 80 -19.88 -20.27 3.50
C ALA B 80 -18.43 -20.70 3.27
N GLU B 81 -18.20 -21.97 3.03
CA GLU B 81 -16.82 -22.44 2.93
C GLU B 81 -16.13 -22.03 1.62
N ASP B 82 -16.69 -21.15 0.80
CA ASP B 82 -16.10 -20.73 -0.46
C ASP B 82 -15.52 -19.31 -0.41
N VAL B 83 -15.50 -18.67 0.76
CA VAL B 83 -14.88 -17.35 0.88
C VAL B 83 -13.37 -17.51 0.73
N ALA B 84 -12.81 -16.85 -0.27
CA ALA B 84 -11.41 -17.10 -0.64
C ALA B 84 -10.98 -16.05 -1.65
N VAL B 85 -9.78 -16.22 -2.20
CA VAL B 85 -9.33 -15.46 -3.35
C VAL B 85 -9.21 -16.42 -4.53
N TYR B 86 -9.62 -15.97 -5.71
CA TYR B 86 -9.66 -16.84 -6.88
C TYR B 86 -8.74 -16.30 -7.95
N TYR B 87 -7.91 -17.19 -8.51
CA TYR B 87 -6.90 -16.84 -9.51
C TYR B 87 -7.13 -17.65 -10.78
N CYS B 88 -7.16 -16.98 -11.92
CA CYS B 88 -6.99 -17.65 -13.19
C CYS B 88 -5.50 -17.70 -13.53
N HIS B 89 -5.13 -18.74 -14.28
CA HIS B 89 -3.74 -18.97 -14.65
C HIS B 89 -3.69 -19.57 -16.05
N GLN B 90 -2.91 -18.95 -16.92
CA GLN B 90 -2.74 -19.43 -18.29
C GLN B 90 -1.45 -20.23 -18.41
N ALA B 91 -1.54 -21.35 -19.10
CA ALA B 91 -0.41 -22.22 -19.36
C ALA B 91 -0.17 -22.29 -20.86
N TYR B 92 -0.30 -21.16 -21.53
CA TYR B 92 -0.25 -21.08 -22.98
C TYR B 92 1.12 -20.67 -23.49
N SER B 93 1.64 -19.54 -23.02
CA SER B 93 2.94 -19.05 -23.48
C SER B 93 3.70 -18.46 -22.30
N SER B 94 4.98 -18.82 -22.20
CA SER B 94 5.80 -18.31 -21.11
C SER B 94 6.06 -16.82 -21.28
N PRO B 95 6.12 -16.06 -20.17
CA PRO B 95 5.89 -16.49 -18.78
C PRO B 95 4.42 -16.83 -18.52
N TYR B 96 4.21 -17.92 -17.79
CA TYR B 96 2.87 -18.44 -17.53
C TYR B 96 2.28 -17.64 -16.38
N THR B 97 1.61 -16.54 -16.73
CA THR B 97 1.20 -15.55 -15.75
C THR B 97 -0.13 -15.92 -15.09
N PHE B 98 -0.38 -15.28 -13.96
CA PHE B 98 -1.60 -15.44 -13.19
C PHE B 98 -2.45 -14.19 -13.31
N GLY B 99 -3.71 -14.32 -12.93
CA GLY B 99 -4.55 -13.15 -12.71
C GLY B 99 -4.21 -12.48 -11.39
N GLN B 100 -4.70 -11.25 -11.22
CA GLN B 100 -4.39 -10.52 -10.00
C GLN B 100 -5.09 -11.10 -8.79
N GLY B 101 -6.12 -11.90 -9.00
CA GLY B 101 -6.89 -12.47 -7.90
C GLY B 101 -8.15 -11.68 -7.62
N THR B 102 -9.24 -12.38 -7.34
CA THR B 102 -10.50 -11.76 -6.95
C THR B 102 -10.89 -12.31 -5.59
N LYS B 103 -10.99 -11.42 -4.59
CA LYS B 103 -11.44 -11.86 -3.28
C LYS B 103 -12.96 -11.98 -3.30
N LEU B 104 -13.44 -13.16 -3.00
CA LEU B 104 -14.86 -13.44 -2.86
C LEU B 104 -15.14 -13.54 -1.37
N GLU B 105 -15.83 -12.52 -0.87
CA GLU B 105 -16.39 -12.42 0.47
C GLU B 105 -17.89 -12.60 0.33
N ILE B 106 -18.55 -13.07 1.38
CA ILE B 106 -19.97 -13.36 1.23
C ILE B 106 -20.76 -12.40 2.12
N LYS B 107 -21.96 -12.08 1.67
CA LYS B 107 -22.86 -11.22 2.42
C LYS B 107 -23.80 -12.04 3.30
N ARG B 108 -23.98 -11.58 4.53
CA ARG B 108 -24.57 -12.37 5.59
C ARG B 108 -25.54 -11.52 6.38
N THR B 109 -26.31 -12.17 7.25
CA THR B 109 -27.20 -11.46 8.16
C THR B 109 -26.39 -10.82 9.28
N VAL B 110 -27.00 -9.82 9.94
CA VAL B 110 -26.35 -9.12 11.04
C VAL B 110 -26.11 -10.07 12.21
N ALA B 111 -24.95 -9.91 12.85
CA ALA B 111 -24.59 -10.71 14.03
C ALA B 111 -23.80 -9.84 14.99
N ALA B 112 -24.22 -9.83 16.30
CA ALA B 112 -23.57 -8.99 17.31
C ALA B 112 -22.37 -9.69 17.92
N PRO B 113 -21.34 -8.93 18.27
CA PRO B 113 -20.12 -9.54 18.81
C PRO B 113 -20.25 -9.90 20.27
N SER B 114 -19.58 -10.99 20.64
CA SER B 114 -19.37 -11.35 22.04
C SER B 114 -18.08 -10.71 22.51
N VAL B 115 -18.15 -9.96 23.60
CA VAL B 115 -17.07 -9.07 24.01
C VAL B 115 -16.34 -9.65 25.20
N PHE B 116 -15.00 -9.63 25.15
CA PHE B 116 -14.18 -10.04 26.28
C PHE B 116 -13.04 -9.05 26.45
N ILE B 117 -12.50 -8.99 27.67
CA ILE B 117 -11.33 -8.16 27.95
C ILE B 117 -10.37 -8.96 28.84
N PHE B 118 -9.09 -8.88 28.51
CA PHE B 118 -8.03 -9.54 29.26
C PHE B 118 -7.02 -8.51 29.77
N PRO B 119 -6.73 -8.53 31.07
CA PRO B 119 -5.69 -7.67 31.62
C PRO B 119 -4.32 -8.19 31.24
N PRO B 120 -3.28 -7.36 31.33
CA PRO B 120 -1.93 -7.83 30.99
C PRO B 120 -1.49 -8.94 31.94
N SER B 121 -0.81 -9.93 31.37
CA SER B 121 -0.31 -11.04 32.16
C SER B 121 0.71 -10.56 33.18
N ASP B 122 0.87 -11.33 34.25
CA ASP B 122 1.80 -10.96 35.32
C ASP B 122 3.25 -11.10 34.86
N GLU B 123 3.53 -12.01 33.93
CA GLU B 123 4.89 -12.14 33.42
C GLU B 123 5.27 -10.99 32.47
N GLN B 124 4.28 -10.25 31.96
CA GLN B 124 4.56 -9.17 31.02
C GLN B 124 4.84 -7.83 31.69
N LEU B 125 4.37 -7.63 32.92
CA LEU B 125 4.57 -6.35 33.58
C LEU B 125 5.99 -6.17 34.10
N LYS B 126 6.66 -7.28 34.43
CA LYS B 126 8.08 -7.20 34.77
C LYS B 126 8.91 -6.65 33.61
N SER B 127 8.60 -7.07 32.39
CA SER B 127 9.37 -6.62 31.23
C SER B 127 9.17 -5.13 30.94
N GLY B 128 8.26 -4.46 31.64
CA GLY B 128 8.09 -3.02 31.56
C GLY B 128 7.09 -2.51 30.56
N THR B 129 6.24 -3.38 30.00
CA THR B 129 5.18 -2.95 29.11
C THR B 129 3.91 -3.75 29.44
N ALA B 130 2.76 -3.08 29.39
CA ALA B 130 1.48 -3.69 29.71
C ALA B 130 0.55 -3.59 28.50
N SER B 131 0.17 -4.73 27.95
CA SER B 131 -0.81 -4.79 26.86
C SER B 131 -2.11 -5.39 27.37
N VAL B 132 -3.15 -4.56 27.43
CA VAL B 132 -4.50 -5.01 27.77
C VAL B 132 -5.28 -5.19 26.48
N VAL B 133 -5.95 -6.34 26.34
CA VAL B 133 -6.50 -6.74 25.05
C VAL B 133 -8.01 -6.89 25.13
N CYS B 134 -8.71 -6.46 24.09
CA CYS B 134 -10.16 -6.56 23.99
C CYS B 134 -10.51 -7.37 22.75
N LEU B 135 -11.42 -8.33 22.90
CA LEU B 135 -11.75 -9.29 21.85
C LEU B 135 -13.24 -9.23 21.52
N LEU B 136 -13.54 -9.17 20.22
CA LEU B 136 -14.89 -9.21 19.68
C LEU B 136 -15.01 -10.50 18.88
N ASN B 137 -15.99 -11.33 19.25
CA ASN B 137 -16.12 -12.67 18.70
C ASN B 137 -17.41 -12.78 17.88
N ASN B 138 -17.27 -13.32 16.67
CA ASN B 138 -18.39 -13.73 15.82
C ASN B 138 -19.40 -12.59 15.64
N PHE B 139 -19.02 -11.61 14.82
CA PHE B 139 -19.93 -10.54 14.46
C PHE B 139 -19.91 -10.32 12.94
N TYR B 140 -20.95 -9.63 12.48
CA TYR B 140 -21.11 -9.25 11.08
C TYR B 140 -22.15 -8.15 11.00
N PRO B 141 -21.97 -7.12 10.16
CA PRO B 141 -20.86 -6.91 9.23
C PRO B 141 -19.55 -6.52 9.89
N ARG B 142 -18.55 -6.19 9.06
CA ARG B 142 -17.19 -6.02 9.54
C ARG B 142 -17.00 -4.70 10.29
N GLU B 143 -17.83 -3.69 10.00
CA GLU B 143 -17.70 -2.39 10.65
C GLU B 143 -18.10 -2.49 12.12
N ALA B 144 -17.16 -2.19 13.02
CA ALA B 144 -17.42 -2.12 14.44
C ALA B 144 -16.44 -1.13 15.06
N LYS B 145 -16.91 -0.37 16.06
CA LYS B 145 -16.08 0.64 16.71
C LYS B 145 -15.75 0.22 18.13
N VAL B 146 -14.46 0.04 18.40
CA VAL B 146 -13.96 -0.30 19.73
C VAL B 146 -13.24 0.92 20.31
N GLN B 147 -13.58 1.26 21.55
CA GLN B 147 -13.15 2.46 22.23
C GLN B 147 -12.57 2.07 23.59
N TRP B 148 -11.36 2.52 23.88
CA TRP B 148 -10.72 2.26 25.16
C TRP B 148 -10.95 3.44 26.10
N LYS B 149 -11.31 3.14 27.35
CA LYS B 149 -11.51 4.15 28.39
C LYS B 149 -10.80 3.71 29.65
N VAL B 150 -9.86 4.51 30.13
CA VAL B 150 -9.14 4.25 31.37
C VAL B 150 -9.55 5.33 32.36
N ASP B 151 -10.35 4.96 33.36
CA ASP B 151 -10.98 5.91 34.27
C ASP B 151 -11.72 6.99 33.49
N ASN B 152 -12.46 6.56 32.47
CA ASN B 152 -13.20 7.43 31.56
C ASN B 152 -12.30 8.42 30.84
N ALA B 153 -10.99 8.17 30.82
CA ALA B 153 -10.08 8.86 29.92
C ALA B 153 -9.99 8.01 28.65
N LEU B 154 -10.51 8.53 27.56
CA LEU B 154 -10.60 7.77 26.32
C LEU B 154 -9.25 7.74 25.60
N GLN B 155 -8.69 6.54 25.46
CA GLN B 155 -7.40 6.42 24.78
C GLN B 155 -7.61 6.61 23.28
N SER B 156 -6.71 7.37 22.65
CA SER B 156 -6.86 7.77 21.25
C SER B 156 -6.03 6.94 20.28
N GLY B 157 -4.74 6.75 20.58
CA GLY B 157 -3.81 6.28 19.55
C GLY B 157 -2.69 5.35 19.99
N ASN B 158 -2.96 4.56 21.03
CA ASN B 158 -2.02 3.59 21.56
C ASN B 158 -2.61 2.18 21.46
N SER B 159 -3.48 1.97 20.47
CA SER B 159 -4.14 0.69 20.25
C SER B 159 -4.06 0.29 18.79
N GLN B 160 -4.08 -1.02 18.55
CA GLN B 160 -4.18 -1.56 17.20
C GLN B 160 -5.29 -2.61 17.11
N GLU B 161 -6.00 -2.62 15.98
CA GLU B 161 -6.98 -3.65 15.69
C GLU B 161 -6.42 -4.65 14.68
N SER B 162 -6.90 -5.88 14.76
CA SER B 162 -6.67 -6.84 13.68
C SER B 162 -7.87 -7.77 13.57
N VAL B 163 -8.20 -8.13 12.34
CA VAL B 163 -9.43 -8.84 12.04
C VAL B 163 -9.09 -10.12 11.27
N THR B 164 -9.70 -11.22 11.68
CA THR B 164 -9.61 -12.46 10.94
C THR B 164 -10.30 -12.33 9.59
N GLU B 165 -10.05 -13.29 8.70
CA GLU B 165 -10.89 -13.37 7.53
C GLU B 165 -12.22 -14.02 7.90
N GLN B 166 -13.22 -13.77 7.05
CA GLN B 166 -14.56 -14.30 7.27
C GLN B 166 -14.50 -15.79 7.53
N ASP B 167 -15.16 -16.22 8.60
CA ASP B 167 -15.04 -17.61 9.04
C ASP B 167 -15.74 -18.53 8.05
N SER B 168 -15.11 -19.65 7.73
CA SER B 168 -15.64 -20.50 6.67
C SER B 168 -16.74 -21.43 7.15
N LYS B 169 -17.16 -21.28 8.40
CA LYS B 169 -18.31 -21.98 8.96
C LYS B 169 -19.56 -21.11 9.01
N ASP B 170 -19.45 -19.92 9.61
CA ASP B 170 -20.60 -19.06 9.85
C ASP B 170 -20.46 -17.68 9.24
N SER B 171 -19.34 -17.38 8.58
CA SER B 171 -19.16 -16.18 7.77
C SER B 171 -19.16 -14.91 8.62
N THR B 172 -18.69 -15.00 9.85
CA THR B 172 -18.54 -13.85 10.72
C THR B 172 -17.06 -13.46 10.81
N TYR B 173 -16.82 -12.25 11.32
CA TYR B 173 -15.47 -11.81 11.64
C TYR B 173 -15.26 -11.83 13.14
N SER B 174 -13.99 -11.72 13.52
CA SER B 174 -13.59 -11.49 14.91
C SER B 174 -12.47 -10.47 14.89
N LEU B 175 -12.46 -9.61 15.90
CA LEU B 175 -11.55 -8.47 15.92
C LEU B 175 -10.86 -8.40 17.28
N SER B 176 -9.57 -8.09 17.26
CA SER B 176 -8.82 -7.96 18.51
C SER B 176 -8.14 -6.62 18.54
N SER B 177 -8.34 -5.87 19.63
CA SER B 177 -7.75 -4.57 19.82
C SER B 177 -6.81 -4.63 21.02
N THR B 178 -5.54 -4.31 20.79
CA THR B 178 -4.50 -4.34 21.80
C THR B 178 -4.16 -2.90 22.19
N LEU B 179 -4.29 -2.58 23.47
CA LEU B 179 -3.93 -1.28 24.03
C LEU B 179 -2.63 -1.45 24.81
N THR B 180 -1.58 -0.77 24.36
CA THR B 180 -0.25 -0.89 24.94
C THR B 180 0.09 0.34 25.77
N LEU B 181 0.62 0.11 26.97
CA LEU B 181 0.96 1.16 27.92
C LEU B 181 2.31 0.82 28.56
N SER B 182 2.95 1.82 29.15
CA SER B 182 4.07 1.55 30.03
C SER B 182 3.55 0.98 31.36
N LYS B 183 4.43 0.28 32.07
CA LYS B 183 4.02 -0.35 33.32
C LYS B 183 3.59 0.69 34.36
N ALA B 184 4.32 1.79 34.45
CA ALA B 184 3.95 2.86 35.37
C ALA B 184 2.58 3.43 35.01
N ASP B 185 2.38 3.71 33.73
CA ASP B 185 1.07 4.18 33.28
C ASP B 185 -0.01 3.16 33.57
N TYR B 186 0.31 1.87 33.53
CA TYR B 186 -0.72 0.85 33.70
C TYR B 186 -1.15 0.74 35.16
N GLU B 187 -0.19 0.72 36.09
CA GLU B 187 -0.54 0.66 37.51
C GLU B 187 -0.72 2.05 38.12
N LYS B 188 -0.79 3.09 37.29
CA LYS B 188 -1.16 4.42 37.76
C LYS B 188 -2.67 4.60 37.88
N HIS B 189 -3.46 3.77 37.21
CA HIS B 189 -4.91 3.93 37.13
C HIS B 189 -5.62 2.71 37.68
N LYS B 190 -6.95 2.76 37.73
CA LYS B 190 -7.64 1.60 38.38
C LYS B 190 -8.70 0.93 37.50
N VAL B 191 -9.37 1.67 36.63
CA VAL B 191 -10.47 1.00 35.87
C VAL B 191 -10.19 1.00 34.36
N TYR B 192 -10.34 -0.15 33.72
CA TYR B 192 -10.14 -0.27 32.26
C TYR B 192 -11.41 -0.78 31.61
N ALA B 193 -11.92 -0.02 30.65
CA ALA B 193 -13.17 -0.47 30.01
C ALA B 193 -13.04 -0.42 28.48
N CYS B 194 -13.31 -1.55 27.85
CA CYS B 194 -13.46 -1.64 26.40
C CYS B 194 -14.94 -1.49 26.08
N GLU B 195 -15.28 -0.48 25.28
CA GLU B 195 -16.66 -0.24 24.86
C GLU B 195 -16.73 -0.38 23.35
N VAL B 196 -17.64 -1.22 22.88
CA VAL B 196 -17.76 -1.57 21.46
C VAL B 196 -19.18 -1.29 20.99
N THR B 197 -19.29 -0.64 19.84
CA THR B 197 -20.56 -0.38 19.18
C THR B 197 -20.60 -1.10 17.83
N HIS B 198 -21.72 -1.79 17.58
CA HIS B 198 -21.92 -2.59 16.37
C HIS B 198 -23.41 -2.61 16.06
N GLN B 199 -23.75 -2.84 14.79
CA GLN B 199 -25.18 -2.83 14.43
C GLN B 199 -25.97 -3.96 15.07
N GLY B 200 -25.32 -4.98 15.60
CA GLY B 200 -26.07 -6.07 16.18
C GLY B 200 -26.43 -5.89 17.63
N LEU B 201 -26.04 -4.76 18.23
CA LEU B 201 -26.35 -4.49 19.62
C LEU B 201 -27.35 -3.35 19.70
N SER B 202 -28.24 -3.43 20.70
CA SER B 202 -29.21 -2.36 20.91
C SER B 202 -28.55 -1.11 21.45
N SER B 203 -27.42 -1.28 22.14
CA SER B 203 -26.70 -0.18 22.77
C SER B 203 -25.23 -0.56 22.84
N PRO B 204 -24.34 0.41 22.98
CA PRO B 204 -22.92 0.09 23.14
C PRO B 204 -22.70 -0.85 24.32
N VAL B 205 -21.69 -1.71 24.19
CA VAL B 205 -21.36 -2.71 25.20
C VAL B 205 -20.05 -2.31 25.86
N THR B 206 -20.04 -2.26 27.19
CA THR B 206 -18.84 -1.91 27.94
C THR B 206 -18.48 -3.07 28.85
N LYS B 207 -17.24 -3.55 28.74
CA LYS B 207 -16.70 -4.57 29.64
C LYS B 207 -15.39 -4.06 30.23
N SER B 208 -15.23 -4.20 31.54
CA SER B 208 -14.14 -3.55 32.24
C SER B 208 -13.52 -4.47 33.27
N PHE B 209 -12.45 -3.98 33.90
CA PHE B 209 -11.80 -4.64 35.02
C PHE B 209 -11.00 -3.61 35.79
N ASN B 210 -10.84 -3.84 37.09
CA ASN B 210 -10.12 -2.93 37.95
C ASN B 210 -8.65 -3.34 38.10
N ARG B 211 -7.79 -2.33 38.26
CA ARG B 211 -6.35 -2.57 38.31
C ARG B 211 -6.01 -3.48 39.48
N GLY B 212 -5.24 -4.54 39.19
CA GLY B 212 -4.67 -5.37 40.24
C GLY B 212 -5.68 -6.16 41.04
N GLU B 213 -6.97 -5.85 40.94
CA GLU B 213 -8.06 -6.56 41.61
C GLU B 213 -8.25 -7.97 41.10
N CYS B 214 -7.45 -8.40 40.12
CA CYS B 214 -7.48 -9.79 39.66
C CYS B 214 -7.06 -10.71 40.80
N ASN C 9 -26.65 -33.54 -28.61
CA ASN C 9 -25.86 -33.68 -29.83
C ASN C 9 -24.35 -33.71 -29.58
N PRO C 10 -23.88 -34.64 -28.73
CA PRO C 10 -22.46 -34.66 -28.37
C PRO C 10 -21.67 -35.52 -29.35
N PRO C 11 -20.34 -35.55 -29.26
CA PRO C 11 -19.57 -36.45 -30.11
C PRO C 11 -19.48 -37.85 -29.50
N THR C 12 -19.11 -38.79 -30.36
CA THR C 12 -18.97 -40.19 -29.99
C THR C 12 -17.56 -40.67 -30.28
N PHE C 13 -17.02 -41.47 -29.37
CA PHE C 13 -15.65 -41.97 -29.42
C PHE C 13 -15.67 -43.48 -29.57
N SER C 14 -15.00 -43.99 -30.60
CA SER C 14 -15.00 -45.41 -30.91
C SER C 14 -13.59 -45.81 -31.34
N PRO C 15 -13.26 -47.12 -31.27
CA PRO C 15 -13.99 -48.25 -30.70
C PRO C 15 -13.93 -48.24 -29.17
N ALA C 16 -14.83 -48.99 -28.54
CA ALA C 16 -14.88 -49.04 -27.08
C ALA C 16 -13.62 -49.62 -26.47
N LEU C 17 -12.87 -50.43 -27.23
CA LEU C 17 -11.63 -51.02 -26.75
C LEU C 17 -10.84 -51.51 -27.95
N LEU C 18 -9.56 -51.17 -27.97
CA LEU C 18 -8.65 -51.69 -29.01
C LEU C 18 -7.35 -52.07 -28.33
N VAL C 19 -6.68 -53.10 -28.83
CA VAL C 19 -5.40 -53.57 -28.21
C VAL C 19 -4.33 -53.58 -29.28
N VAL C 20 -3.13 -53.13 -28.95
CA VAL C 20 -1.97 -53.15 -29.89
C VAL C 20 -0.78 -53.75 -29.15
N THR C 21 0.30 -54.10 -29.84
CA THR C 21 1.38 -54.84 -29.13
C THR C 21 2.71 -54.09 -28.98
N GLU C 22 2.87 -53.30 -27.91
CA GLU C 22 4.15 -52.65 -27.53
C GLU C 22 4.83 -51.97 -28.73
N GLY C 23 4.06 -51.21 -29.51
CA GLY C 23 4.63 -50.55 -30.68
C GLY C 23 3.55 -50.29 -31.72
N ASP C 24 3.97 -49.98 -32.96
CA ASP C 24 3.06 -49.68 -34.10
C ASP C 24 2.27 -48.39 -33.82
N ASN C 25 1.14 -48.22 -34.51
CA ASN C 25 0.29 -47.02 -34.35
C ASN C 25 -1.09 -47.47 -33.88
N ALA C 26 -1.69 -46.76 -32.93
CA ALA C 26 -3.04 -47.08 -32.44
C ALA C 26 -3.93 -45.88 -32.73
N THR C 27 -5.06 -46.07 -33.39
CA THR C 27 -5.88 -44.90 -33.75
C THR C 27 -7.33 -45.07 -33.32
N PHE C 28 -7.93 -43.99 -32.84
CA PHE C 28 -9.37 -43.99 -32.45
C PHE C 28 -10.09 -43.03 -33.38
N THR C 29 -11.41 -43.11 -33.40
CA THR C 29 -12.23 -42.27 -34.27
C THR C 29 -13.23 -41.52 -33.41
N CYS C 30 -13.25 -40.19 -33.54
CA CYS C 30 -14.20 -39.36 -32.82
C CYS C 30 -15.07 -38.64 -33.83
N SER C 31 -16.38 -38.81 -33.71
CA SER C 31 -17.33 -38.25 -34.67
C SER C 31 -18.20 -37.20 -33.98
N PHE C 32 -18.55 -36.16 -34.73
CA PHE C 32 -19.21 -35.00 -34.14
C PHE C 32 -20.18 -34.38 -35.14
N SER C 33 -21.25 -33.80 -34.59
CA SER C 33 -22.27 -33.07 -35.34
C SER C 33 -21.72 -31.67 -35.60
N ASN C 34 -20.92 -31.53 -36.65
CA ASN C 34 -20.27 -30.24 -36.98
C ASN C 34 -21.30 -29.20 -37.44
N THR C 35 -22.14 -28.71 -36.53
CA THR C 35 -23.16 -27.69 -36.90
C THR C 35 -22.49 -26.38 -37.28
N SER C 36 -22.08 -25.62 -36.26
CA SER C 36 -21.48 -24.26 -36.40
C SER C 36 -20.35 -24.20 -37.43
N GLU C 37 -19.48 -25.22 -37.46
CA GLU C 37 -18.28 -25.33 -38.35
C GLU C 37 -17.18 -24.34 -37.93
N SER C 38 -17.22 -23.90 -36.68
CA SER C 38 -16.25 -22.95 -36.07
C SER C 38 -16.07 -23.40 -34.61
N PHE C 39 -15.35 -24.50 -34.41
CA PHE C 39 -15.17 -25.13 -33.09
C PHE C 39 -13.80 -25.79 -33.04
N VAL C 40 -13.56 -26.47 -31.92
CA VAL C 40 -12.31 -27.10 -31.51
C VAL C 40 -12.59 -28.47 -30.92
N LEU C 41 -11.69 -29.42 -31.16
CA LEU C 41 -11.73 -30.71 -30.49
C LEU C 41 -10.55 -30.83 -29.54
N ASN C 42 -10.78 -31.44 -28.39
CA ASN C 42 -9.73 -31.89 -27.50
C ASN C 42 -9.80 -33.40 -27.37
N TRP C 43 -8.63 -34.00 -27.16
CA TRP C 43 -8.45 -35.43 -26.96
C TRP C 43 -7.73 -35.61 -25.63
N TYR C 44 -8.42 -36.27 -24.69
CA TYR C 44 -7.98 -36.38 -23.30
C TYR C 44 -7.67 -37.83 -22.94
N ARG C 45 -6.81 -38.00 -21.93
CA ARG C 45 -6.55 -39.30 -21.31
C ARG C 45 -6.84 -39.15 -19.81
N MET C 46 -7.74 -39.98 -19.31
CA MET C 46 -8.18 -39.91 -17.92
C MET C 46 -7.44 -40.94 -17.09
N SER C 47 -6.74 -40.46 -16.05
CA SER C 47 -6.01 -41.35 -15.15
C SER C 47 -6.97 -42.25 -14.38
N PRO C 48 -6.44 -43.31 -13.75
CA PRO C 48 -7.30 -44.19 -12.95
C PRO C 48 -8.04 -43.47 -11.81
N SER C 49 -7.55 -42.30 -11.38
CA SER C 49 -8.20 -41.53 -10.33
C SER C 49 -9.13 -40.46 -10.88
N ASN C 50 -9.68 -40.68 -12.08
CA ASN C 50 -10.61 -39.77 -12.75
C ASN C 50 -10.00 -38.41 -13.08
N GLN C 51 -8.67 -38.32 -12.98
CA GLN C 51 -7.96 -37.05 -13.28
C GLN C 51 -7.74 -37.00 -14.78
N THR C 52 -7.93 -35.84 -15.42
CA THR C 52 -7.80 -35.80 -16.89
C THR C 52 -6.52 -35.14 -17.34
N ASP C 53 -5.99 -35.61 -18.46
CA ASP C 53 -4.76 -35.09 -19.11
C ASP C 53 -5.17 -34.75 -20.54
N LYS C 54 -4.84 -33.55 -21.04
CA LYS C 54 -5.25 -33.15 -22.41
C LYS C 54 -4.17 -33.56 -23.40
N LEU C 55 -4.43 -34.55 -24.25
CA LEU C 55 -3.37 -35.01 -25.12
C LEU C 55 -3.25 -34.16 -26.38
N ALA C 56 -4.36 -33.76 -26.98
CA ALA C 56 -4.23 -33.03 -28.24
C ALA C 56 -5.46 -32.17 -28.51
N ALA C 57 -5.38 -31.38 -29.57
CA ALA C 57 -6.46 -30.50 -29.98
C ALA C 57 -6.42 -30.32 -31.49
N PHE C 58 -7.60 -30.13 -32.07
CA PHE C 58 -7.73 -29.73 -33.48
C PHE C 58 -8.60 -28.47 -33.52
N PRO C 59 -8.09 -27.34 -34.03
CA PRO C 59 -6.73 -27.25 -34.57
C PRO C 59 -5.66 -27.23 -33.48
N GLU C 60 -4.42 -27.49 -33.90
CA GLU C 60 -3.23 -27.56 -33.01
C GLU C 60 -2.99 -26.20 -32.37
N ASP C 61 -2.47 -26.17 -31.13
CA ASP C 61 -2.23 -24.84 -30.50
C ASP C 61 -0.73 -24.54 -30.42
N ARG C 62 -0.06 -24.94 -29.35
CA ARG C 62 1.38 -24.57 -29.29
C ARG C 62 2.22 -25.81 -28.96
N SER C 63 3.44 -25.88 -29.50
CA SER C 63 4.32 -27.06 -29.29
C SER C 63 5.34 -26.81 -28.17
N GLN C 64 5.20 -25.71 -27.41
CA GLN C 64 6.18 -25.37 -26.33
C GLN C 64 6.00 -26.31 -25.14
N PRO C 65 5.21 -25.94 -24.11
CA PRO C 65 4.98 -26.84 -22.97
C PRO C 65 4.32 -28.13 -23.46
N GLY C 66 3.35 -28.01 -24.36
CA GLY C 66 2.65 -29.20 -24.89
C GLY C 66 3.43 -29.81 -26.05
N GLN C 67 4.60 -30.39 -25.76
CA GLN C 67 5.44 -31.00 -26.84
C GLN C 67 5.40 -32.53 -26.70
N ASP C 68 4.82 -33.19 -27.69
CA ASP C 68 4.71 -34.66 -27.79
C ASP C 68 4.16 -35.00 -29.17
N CYS C 69 5.07 -35.39 -30.08
CA CYS C 69 4.74 -35.82 -31.47
C CYS C 69 4.05 -37.18 -31.41
N ARG C 70 4.01 -37.80 -30.24
CA ARG C 70 3.40 -39.13 -30.04
C ARG C 70 1.90 -39.07 -30.36
N PHE C 71 1.23 -37.97 -30.02
CA PHE C 71 -0.22 -37.90 -30.24
C PHE C 71 -0.61 -36.96 -31.39
N ARG C 72 -1.05 -37.53 -32.50
CA ARG C 72 -1.58 -36.77 -33.63
C ARG C 72 -3.10 -36.82 -33.65
N VAL C 73 -3.72 -35.70 -34.01
CA VAL C 73 -5.15 -35.65 -34.32
C VAL C 73 -5.32 -35.05 -35.71
N THR C 74 -5.90 -35.82 -36.63
CA THR C 74 -6.03 -35.39 -38.01
C THR C 74 -7.49 -35.42 -38.46
N GLN C 75 -7.84 -34.44 -39.30
CA GLN C 75 -9.19 -34.27 -39.80
C GLN C 75 -9.37 -35.02 -41.11
N LEU C 76 -10.48 -35.75 -41.23
CA LEU C 76 -10.67 -36.48 -42.47
C LEU C 76 -11.51 -35.67 -43.46
N PRO C 77 -11.33 -35.90 -44.76
CA PRO C 77 -11.97 -35.02 -45.76
C PRO C 77 -13.49 -35.02 -45.69
N ASN C 78 -14.10 -36.05 -45.10
CA ASN C 78 -15.56 -36.08 -45.01
C ASN C 78 -16.11 -35.08 -43.99
N GLY C 79 -15.30 -34.66 -43.03
CA GLY C 79 -15.65 -33.59 -42.11
C GLY C 79 -16.36 -34.02 -40.84
N ARG C 80 -17.10 -35.13 -40.88
CA ARG C 80 -17.89 -35.53 -39.72
C ARG C 80 -17.02 -36.01 -38.57
N ASP C 81 -15.90 -36.67 -38.86
CA ASP C 81 -15.14 -37.38 -37.83
C ASP C 81 -13.65 -37.11 -38.00
N PHE C 82 -12.89 -37.53 -36.99
CA PHE C 82 -11.47 -37.23 -36.85
C PHE C 82 -10.75 -38.45 -36.32
N HIS C 83 -9.49 -38.60 -36.72
CA HIS C 83 -8.64 -39.69 -36.25
C HIS C 83 -7.72 -39.20 -35.14
N MET C 84 -7.75 -39.91 -34.01
CA MET C 84 -6.91 -39.65 -32.84
C MET C 84 -5.90 -40.78 -32.72
N SER C 85 -4.65 -40.53 -33.09
CA SER C 85 -3.64 -41.58 -33.20
C SER C 85 -2.52 -41.38 -32.20
N VAL C 86 -2.09 -42.49 -31.59
CA VAL C 86 -0.86 -42.57 -30.80
C VAL C 86 0.14 -43.38 -31.61
N VAL C 87 1.28 -42.76 -31.92
CA VAL C 87 2.31 -43.38 -32.76
C VAL C 87 3.29 -44.15 -31.88
N ARG C 88 3.65 -45.36 -32.34
CA ARG C 88 4.59 -46.22 -31.62
C ARG C 88 4.29 -46.27 -30.12
N ALA C 89 3.27 -47.01 -29.74
CA ALA C 89 2.66 -46.82 -28.43
C ALA C 89 3.50 -47.53 -27.38
N ARG C 90 3.97 -46.77 -26.40
CA ARG C 90 4.75 -47.39 -25.29
C ARG C 90 3.74 -48.01 -24.31
N ARG C 91 4.23 -48.85 -23.40
CA ARG C 91 3.30 -49.51 -22.51
C ARG C 91 2.75 -48.56 -21.47
N ASN C 92 3.41 -47.41 -21.32
CA ASN C 92 2.96 -46.34 -20.40
C ASN C 92 1.62 -45.82 -20.91
N ASP C 93 1.48 -45.76 -22.24
CA ASP C 93 0.33 -45.20 -22.99
C ASP C 93 -0.99 -45.92 -22.73
N SER C 94 -0.95 -47.22 -22.39
CA SER C 94 -2.23 -47.95 -22.17
C SER C 94 -3.05 -47.25 -21.10
N GLY C 95 -4.36 -47.07 -21.34
CA GLY C 95 -5.23 -46.38 -20.37
C GLY C 95 -6.58 -46.03 -20.96
N THR C 96 -7.36 -45.20 -20.26
CA THR C 96 -8.73 -44.82 -20.67
C THR C 96 -8.67 -43.48 -21.40
N TYR C 97 -9.25 -43.41 -22.61
CA TYR C 97 -9.17 -42.16 -23.42
C TYR C 97 -10.58 -41.63 -23.67
N LEU C 98 -10.67 -40.33 -23.95
CA LEU C 98 -11.99 -39.70 -24.18
C LEU C 98 -11.85 -38.56 -25.20
N CYS C 99 -12.93 -38.28 -25.91
CA CYS C 99 -13.03 -37.16 -26.84
C CYS C 99 -13.82 -36.01 -26.20
N GLY C 100 -13.57 -34.81 -26.70
CA GLY C 100 -14.35 -33.66 -26.30
C GLY C 100 -14.47 -32.62 -27.40
N ALA C 101 -15.66 -32.10 -27.63
CA ALA C 101 -15.89 -31.05 -28.61
C ALA C 101 -16.26 -29.76 -27.89
N ILE C 102 -15.79 -28.64 -28.41
CA ILE C 102 -16.18 -27.33 -27.90
C ILE C 102 -16.58 -26.47 -29.08
N SER C 103 -17.70 -25.78 -28.95
CA SER C 103 -18.20 -24.85 -29.95
C SER C 103 -17.95 -23.43 -29.47
N LEU C 104 -17.39 -22.60 -30.34
CA LEU C 104 -17.06 -21.23 -29.98
C LEU C 104 -18.27 -20.32 -29.91
N ALA C 105 -19.48 -20.86 -30.08
CA ALA C 105 -20.75 -20.15 -29.96
C ALA C 105 -20.79 -19.42 -28.62
N PRO C 106 -21.52 -18.29 -28.52
CA PRO C 106 -21.39 -17.43 -27.33
C PRO C 106 -21.58 -18.15 -26.00
N LYS C 107 -22.33 -19.25 -25.97
CA LYS C 107 -22.36 -20.10 -24.78
C LYS C 107 -21.03 -20.82 -24.55
N ALA C 108 -20.35 -21.22 -25.63
CA ALA C 108 -19.05 -21.90 -25.58
C ALA C 108 -19.11 -23.16 -24.71
N GLN C 109 -20.09 -24.00 -25.00
CA GLN C 109 -20.22 -25.28 -24.30
C GLN C 109 -19.08 -26.21 -24.68
N ILE C 110 -18.90 -27.24 -23.85
CA ILE C 110 -17.97 -28.34 -24.13
C ILE C 110 -18.79 -29.63 -24.10
N LYS C 111 -19.26 -30.04 -25.27
CA LYS C 111 -19.95 -31.32 -25.37
C LYS C 111 -18.93 -32.45 -25.24
N GLU C 112 -19.30 -33.48 -24.50
CA GLU C 112 -18.34 -34.45 -24.00
C GLU C 112 -18.77 -35.89 -24.30
N SER C 113 -17.83 -36.67 -24.84
CA SER C 113 -18.06 -38.03 -25.30
C SER C 113 -17.89 -39.04 -24.16
N LEU C 114 -17.90 -40.32 -24.50
CA LEU C 114 -17.76 -41.43 -23.57
C LEU C 114 -16.32 -41.94 -23.52
N ARG C 115 -16.01 -42.65 -22.43
CA ARG C 115 -14.73 -43.36 -22.28
C ARG C 115 -14.48 -44.35 -23.41
N ALA C 116 -13.20 -44.65 -23.61
CA ALA C 116 -12.73 -45.70 -24.50
C ALA C 116 -11.43 -46.26 -23.95
N GLU C 117 -11.25 -47.58 -24.01
CA GLU C 117 -10.10 -48.21 -23.38
C GLU C 117 -9.04 -48.55 -24.43
N LEU C 118 -7.77 -48.58 -24.00
CA LEU C 118 -6.68 -48.99 -24.88
C LEU C 118 -5.65 -49.80 -24.10
N ARG C 119 -5.24 -50.91 -24.71
CA ARG C 119 -4.29 -51.86 -24.13
C ARG C 119 -3.05 -51.97 -25.02
N VAL C 120 -1.94 -52.42 -24.44
CA VAL C 120 -0.71 -52.68 -25.18
C VAL C 120 0.00 -53.88 -24.57
N THR C 121 0.29 -54.90 -25.39
CA THR C 121 0.84 -56.15 -24.88
C THR C 121 1.76 -56.76 -25.93
N GLU C 122 2.22 -57.99 -25.66
CA GLU C 122 3.03 -58.87 -26.52
C GLU C 122 4.50 -58.47 -26.51
N GLN D 1 1.84 24.32 -17.41
CA GLN D 1 2.42 25.63 -17.63
C GLN D 1 1.89 26.67 -16.63
N VAL D 2 1.11 26.23 -15.65
CA VAL D 2 0.60 27.13 -14.62
C VAL D 2 1.59 27.10 -13.45
N GLN D 3 2.24 28.24 -13.21
CA GLN D 3 3.37 28.35 -12.29
C GLN D 3 3.27 29.66 -11.51
N LEU D 4 3.77 29.62 -10.27
CA LEU D 4 3.93 30.82 -9.45
C LEU D 4 5.32 30.79 -8.85
N GLN D 5 6.03 31.91 -8.92
CA GLN D 5 7.38 32.01 -8.38
C GLN D 5 7.42 33.14 -7.37
N GLU D 6 7.85 32.84 -6.15
CA GLU D 6 8.05 33.85 -5.13
C GLU D 6 9.50 34.29 -5.10
N SER D 7 9.70 35.55 -4.72
CA SER D 7 11.04 36.11 -4.57
C SER D 7 10.97 37.26 -3.56
N GLY D 8 12.08 37.51 -2.90
CA GLY D 8 12.15 38.57 -1.91
C GLY D 8 13.33 38.37 -0.99
N PRO D 9 13.62 39.37 -0.17
CA PRO D 9 14.75 39.25 0.76
C PRO D 9 14.50 38.11 1.74
N GLY D 10 15.49 37.23 1.85
CA GLY D 10 15.44 36.15 2.82
C GLY D 10 15.68 36.58 4.24
N LEU D 11 16.21 37.79 4.43
CA LEU D 11 16.48 38.35 5.74
C LEU D 11 15.88 39.75 5.80
N VAL D 12 15.01 39.97 6.77
CA VAL D 12 14.51 41.31 7.10
C VAL D 12 14.71 41.51 8.59
N LYS D 13 15.22 42.67 8.96
CA LYS D 13 15.49 42.94 10.36
C LYS D 13 14.20 43.31 11.07
N PRO D 14 14.09 43.00 12.36
CA PRO D 14 12.80 43.21 13.06
C PRO D 14 12.39 44.68 13.00
N SER D 15 11.08 44.90 12.87
CA SER D 15 10.40 46.18 12.71
C SER D 15 10.63 46.81 11.34
N GLU D 16 11.34 46.15 10.43
CA GLU D 16 11.39 46.60 9.05
C GLU D 16 10.06 46.24 8.40
N THR D 17 9.96 46.44 7.08
CA THR D 17 8.81 46.00 6.31
C THR D 17 9.26 44.92 5.33
N LEU D 18 8.55 43.79 5.36
CA LEU D 18 8.92 42.63 4.55
C LEU D 18 8.13 42.64 3.25
N SER D 19 8.84 42.50 2.12
CA SER D 19 8.25 42.61 0.81
C SER D 19 8.58 41.37 -0.01
N LEU D 20 7.55 40.74 -0.57
CA LEU D 20 7.72 39.60 -1.46
C LEU D 20 6.96 39.86 -2.75
N THR D 21 7.46 39.27 -3.84
CA THR D 21 6.84 39.36 -5.14
C THR D 21 6.58 37.95 -5.65
N CYS D 22 5.50 37.79 -6.40
CA CYS D 22 5.11 36.50 -6.97
C CYS D 22 4.84 36.73 -8.44
N THR D 23 5.71 36.22 -9.30
CA THR D 23 5.53 36.29 -10.74
C THR D 23 4.80 35.05 -11.21
N VAL D 24 3.84 35.27 -12.12
CA VAL D 24 2.86 34.27 -12.51
C VAL D 24 3.13 33.85 -13.95
N SER D 25 2.96 32.57 -14.23
CA SER D 25 3.11 32.03 -15.57
C SER D 25 1.95 31.09 -15.85
N GLY D 26 1.43 31.15 -17.08
CA GLY D 26 0.38 30.25 -17.50
C GLY D 26 -1.02 30.78 -17.32
N PHE D 27 -1.19 31.97 -16.76
CA PHE D 27 -2.50 32.59 -16.69
C PHE D 27 -2.32 34.07 -16.37
N SER D 28 -3.40 34.83 -16.57
CA SER D 28 -3.40 36.26 -16.30
C SER D 28 -4.11 36.52 -14.97
N LEU D 29 -3.59 37.50 -14.23
CA LEU D 29 -4.15 37.86 -12.93
C LEU D 29 -5.53 38.49 -13.01
N THR D 30 -6.04 38.75 -14.23
CA THR D 30 -7.36 39.32 -14.39
C THR D 30 -8.47 38.31 -14.13
N SER D 31 -8.20 37.02 -14.33
CA SER D 31 -9.24 36.00 -14.27
C SER D 31 -9.15 35.09 -13.05
N TYR D 32 -8.08 35.16 -12.26
CA TYR D 32 -7.89 34.26 -11.14
C TYR D 32 -7.45 35.03 -9.91
N GLY D 33 -7.97 34.63 -8.75
CA GLY D 33 -7.50 35.17 -7.50
C GLY D 33 -6.26 34.46 -7.00
N VAL D 34 -5.40 35.23 -6.33
CA VAL D 34 -4.15 34.72 -5.79
C VAL D 34 -4.15 34.90 -4.28
N HIS D 35 -3.85 33.83 -3.56
CA HIS D 35 -3.79 33.84 -2.12
C HIS D 35 -2.34 33.81 -1.67
N TRP D 36 -2.09 34.44 -0.54
CA TRP D 36 -0.82 34.32 0.18
C TRP D 36 -1.07 33.52 1.44
N ILE D 37 -0.24 32.48 1.62
CA ILE D 37 -0.32 31.54 2.73
C ILE D 37 1.06 31.45 3.35
N ARG D 38 1.11 31.13 4.65
CA ARG D 38 2.35 31.19 5.41
C ARG D 38 2.49 29.94 6.27
N GLN D 39 3.74 29.52 6.48
CA GLN D 39 4.05 28.31 7.25
C GLN D 39 5.29 28.57 8.10
N PRO D 40 5.11 28.79 9.41
CA PRO D 40 6.27 28.91 10.30
C PRO D 40 7.07 27.62 10.36
N PRO D 41 8.29 27.65 10.89
CA PRO D 41 9.14 26.45 10.92
C PRO D 41 8.51 25.34 11.74
N GLY D 42 8.35 24.17 11.10
CA GLY D 42 7.79 23.00 11.76
C GLY D 42 6.34 23.12 12.14
N LYS D 43 5.76 24.31 12.05
CA LYS D 43 4.37 24.56 12.39
C LYS D 43 3.50 24.45 11.14
N GLY D 44 2.20 24.71 11.30
CA GLY D 44 1.24 24.46 10.25
C GLY D 44 1.11 25.61 9.26
N LEU D 45 0.17 25.45 8.34
CA LEU D 45 -0.12 26.47 7.34
C LEU D 45 -1.08 27.52 7.91
N GLU D 46 -0.77 28.79 7.66
CA GLU D 46 -1.64 29.90 8.04
C GLU D 46 -1.99 30.72 6.82
N TRP D 47 -3.28 30.99 6.64
CA TRP D 47 -3.75 31.80 5.52
C TRP D 47 -3.50 33.27 5.80
N ILE D 48 -2.85 33.95 4.86
CA ILE D 48 -2.51 35.35 5.03
C ILE D 48 -3.60 36.21 4.41
N GLY D 49 -3.83 36.02 3.11
CA GLY D 49 -4.79 36.88 2.43
C GLY D 49 -5.02 36.45 1.00
N VAL D 50 -5.83 37.24 0.30
CA VAL D 50 -6.19 36.96 -1.08
C VAL D 50 -6.41 38.28 -1.80
N ILE D 51 -5.96 38.34 -3.06
CA ILE D 51 -6.35 39.37 -4.00
C ILE D 51 -7.19 38.71 -5.08
N TYR D 52 -8.44 39.15 -5.21
CA TYR D 52 -9.41 38.48 -6.08
C TYR D 52 -9.16 38.87 -7.54
N ALA D 53 -10.02 38.33 -8.41
CA ALA D 53 -9.90 38.60 -9.85
C ALA D 53 -10.04 40.09 -10.14
N ASP D 54 -11.10 40.72 -9.61
CA ASP D 54 -11.31 42.14 -9.86
C ASP D 54 -10.17 42.99 -9.30
N GLY D 55 -9.77 42.72 -8.06
CA GLY D 55 -8.72 43.48 -7.41
C GLY D 55 -9.02 43.71 -5.96
N SER D 56 -10.23 43.32 -5.53
CA SER D 56 -10.59 43.39 -4.13
C SER D 56 -9.69 42.48 -3.30
N THR D 57 -9.26 42.99 -2.16
CA THR D 57 -8.37 42.27 -1.26
C THR D 57 -9.15 41.76 -0.07
N ASN D 58 -8.54 40.81 0.64
CA ASN D 58 -9.13 40.30 1.87
C ASN D 58 -8.01 39.66 2.69
N TYR D 59 -7.90 40.07 3.96
CA TYR D 59 -6.79 39.65 4.78
C TYR D 59 -7.27 38.89 6.01
N ASN D 60 -6.31 38.23 6.68
CA ASN D 60 -6.56 37.56 7.94
C ASN D 60 -6.55 38.59 9.07
N PRO D 61 -7.59 38.65 9.90
CA PRO D 61 -7.61 39.62 11.01
C PRO D 61 -6.47 39.45 11.99
N SER D 62 -5.88 38.27 12.03
CA SER D 62 -4.77 37.97 12.96
C SER D 62 -3.54 38.81 12.63
N LEU D 63 -3.46 39.34 11.41
CA LEU D 63 -2.28 40.13 10.99
C LEU D 63 -2.53 41.62 11.18
N LYS D 64 -3.65 41.98 11.81
CA LYS D 64 -4.01 43.40 12.04
C LYS D 64 -4.02 44.13 10.69
N SER D 65 -3.37 45.29 10.62
CA SER D 65 -3.33 46.08 9.36
C SER D 65 -1.96 46.00 8.70
N ARG D 66 -1.09 45.09 9.15
CA ARG D 66 0.30 44.99 8.64
C ARG D 66 0.36 44.45 7.19
N VAL D 67 -0.55 43.55 6.87
CA VAL D 67 -0.56 42.89 5.53
C VAL D 67 -1.18 43.83 4.50
N THR D 68 -0.52 43.98 3.36
CA THR D 68 -1.05 44.76 2.23
C THR D 68 -0.79 43.93 0.96
N ILE D 69 -1.80 43.70 0.13
CA ILE D 69 -1.60 42.89 -1.09
C ILE D 69 -1.94 43.72 -2.33
N SER D 70 -1.03 43.74 -3.32
CA SER D 70 -1.26 44.54 -4.54
C SER D 70 -0.80 43.72 -5.75
N LYS D 71 -1.38 43.96 -6.91
CA LYS D 71 -0.99 43.20 -8.13
C LYS D 71 -0.86 44.11 -9.34
N ASP D 72 0.12 43.83 -10.19
CA ASP D 72 0.34 44.50 -11.46
C ASP D 72 0.17 43.45 -12.53
N THR D 73 -0.89 43.60 -13.35
CA THR D 73 -1.13 42.62 -14.39
C THR D 73 -0.13 42.75 -15.53
N SER D 74 0.40 43.97 -15.75
CA SER D 74 1.39 44.18 -16.80
C SER D 74 2.61 43.27 -16.61
N LYS D 75 3.07 43.11 -15.37
CA LYS D 75 4.20 42.23 -15.07
C LYS D 75 3.77 40.83 -14.64
N ASN D 76 2.47 40.54 -14.61
CA ASN D 76 1.95 39.29 -14.06
C ASN D 76 2.49 39.06 -12.65
N GLN D 77 2.37 40.08 -11.81
CA GLN D 77 3.03 40.08 -10.52
C GLN D 77 2.01 40.37 -9.43
N VAL D 78 2.10 39.62 -8.33
CA VAL D 78 1.34 39.89 -7.11
C VAL D 78 2.36 40.17 -6.02
N SER D 79 2.15 41.25 -5.28
CA SER D 79 3.13 41.67 -4.29
C SER D 79 2.49 41.70 -2.91
N LEU D 80 3.24 41.20 -1.93
CA LEU D 80 2.83 41.14 -0.55
C LEU D 80 3.78 42.03 0.25
N LYS D 81 3.21 42.93 1.05
CA LYS D 81 3.99 43.74 1.96
C LYS D 81 3.41 43.62 3.35
N LEU D 82 4.24 43.24 4.31
CA LEU D 82 3.82 43.01 5.68
C LEU D 82 4.67 43.92 6.57
N SER D 83 4.01 44.81 7.31
CA SER D 83 4.68 45.87 8.05
C SER D 83 4.99 45.44 9.48
N SER D 84 6.01 46.08 10.05
CA SER D 84 6.40 45.89 11.44
C SER D 84 6.60 44.42 11.77
N VAL D 85 7.53 43.80 11.04
CA VAL D 85 7.74 42.36 11.19
C VAL D 85 8.47 42.07 12.50
N THR D 86 8.25 40.88 13.03
CA THR D 86 8.93 40.36 14.20
C THR D 86 9.34 38.91 13.94
N ALA D 87 10.03 38.31 14.92
CA ALA D 87 10.39 36.91 14.80
C ALA D 87 9.18 35.99 14.78
N ALA D 88 8.00 36.49 15.13
CA ALA D 88 6.78 35.71 14.94
C ALA D 88 6.39 35.63 13.47
N ASP D 89 7.10 36.34 12.59
CA ASP D 89 6.76 36.40 11.16
C ASP D 89 7.73 35.63 10.27
N THR D 90 8.81 35.09 10.82
CA THR D 90 9.73 34.30 10.01
C THR D 90 9.10 32.96 9.65
N ALA D 91 9.02 32.67 8.36
CA ALA D 91 8.26 31.52 7.88
C ALA D 91 8.53 31.36 6.39
N VAL D 92 7.99 30.31 5.82
CA VAL D 92 7.95 30.15 4.38
C VAL D 92 6.64 30.74 3.89
N TYR D 93 6.71 31.56 2.84
CA TYR D 93 5.56 32.24 2.28
C TYR D 93 5.30 31.69 0.88
N TYR D 94 4.07 31.22 0.67
CA TYR D 94 3.61 30.74 -0.62
C TYR D 94 2.59 31.71 -1.22
N CYS D 95 2.66 31.90 -2.53
CA CYS D 95 1.54 32.41 -3.29
C CYS D 95 0.90 31.24 -4.03
N ALA D 96 -0.42 31.32 -4.25
CA ALA D 96 -1.13 30.17 -4.77
C ALA D 96 -2.39 30.64 -5.49
N ARG D 97 -2.82 29.87 -6.48
CA ARG D 97 -3.95 30.26 -7.31
C ARG D 97 -5.23 29.61 -6.78
N ALA D 98 -6.32 30.39 -6.78
CA ALA D 98 -7.65 29.88 -6.48
C ALA D 98 -8.38 29.65 -7.79
N TYR D 99 -8.98 28.48 -7.94
CA TYR D 99 -9.59 28.07 -9.19
C TYR D 99 -11.11 27.98 -9.07
N GLY D 100 -11.79 28.57 -10.04
CA GLY D 100 -13.21 28.37 -10.22
C GLY D 100 -14.07 29.29 -9.36
N ASN D 101 -15.29 29.50 -9.83
CA ASN D 101 -16.32 30.10 -9.00
C ASN D 101 -16.65 29.11 -7.89
N TYR D 102 -16.84 29.63 -6.67
CA TYR D 102 -16.79 28.78 -5.48
C TYR D 102 -15.45 28.06 -5.44
N TRP D 103 -14.41 28.76 -4.99
CA TRP D 103 -13.04 28.45 -5.34
C TRP D 103 -12.41 27.43 -4.40
N TYR D 104 -11.28 26.90 -4.87
CA TYR D 104 -10.34 26.11 -4.09
C TYR D 104 -8.95 26.40 -4.64
N ILE D 105 -7.93 26.21 -3.81
CA ILE D 105 -6.55 26.44 -4.21
C ILE D 105 -6.01 25.20 -4.91
N ASP D 106 -5.58 25.36 -6.16
CA ASP D 106 -5.08 24.24 -6.94
C ASP D 106 -3.57 24.24 -7.10
N VAL D 107 -2.97 25.34 -7.55
CA VAL D 107 -1.54 25.41 -7.83
C VAL D 107 -0.88 26.33 -6.83
N TRP D 108 0.14 25.83 -6.15
CA TRP D 108 0.94 26.58 -5.20
C TRP D 108 2.30 26.92 -5.81
N GLY D 109 2.83 28.07 -5.44
CA GLY D 109 4.20 28.40 -5.74
C GLY D 109 5.11 27.50 -4.93
N GLN D 110 6.41 27.63 -5.18
CA GLN D 110 7.35 26.81 -4.44
C GLN D 110 7.64 27.36 -3.06
N GLY D 111 7.18 28.57 -2.77
CA GLY D 111 7.39 29.18 -1.47
C GLY D 111 8.80 29.70 -1.29
N THR D 112 8.93 30.91 -0.76
CA THR D 112 10.23 31.46 -0.43
C THR D 112 10.28 31.71 1.07
N THR D 113 11.42 31.38 1.67
CA THR D 113 11.58 31.43 3.12
C THR D 113 12.16 32.77 3.56
N VAL D 114 11.54 33.37 4.56
CA VAL D 114 11.92 34.68 5.06
C VAL D 114 12.20 34.54 6.56
N THR D 115 13.35 35.01 6.99
CA THR D 115 13.73 34.98 8.39
C THR D 115 13.84 36.41 8.90
N VAL D 116 13.22 36.66 10.05
CA VAL D 116 13.28 37.96 10.70
C VAL D 116 14.32 37.87 11.80
N SER D 117 15.39 38.64 11.68
CA SER D 117 16.49 38.56 12.63
C SER D 117 17.32 39.83 12.54
N SER D 118 17.72 40.36 13.70
CA SER D 118 18.71 41.42 13.75
C SER D 118 20.10 40.94 13.35
N ALA D 119 20.36 39.63 13.48
CA ALA D 119 21.69 39.10 13.22
C ALA D 119 22.08 39.34 11.76
N SER D 120 23.38 39.23 11.49
CA SER D 120 23.94 39.54 10.19
C SER D 120 24.09 38.27 9.36
N THR D 121 23.92 38.42 8.05
CA THR D 121 24.04 37.29 7.15
C THR D 121 25.50 36.81 7.07
N LYS D 122 25.66 35.51 6.93
CA LYS D 122 26.99 34.90 6.86
C LYS D 122 26.91 33.66 5.98
N GLY D 123 27.83 33.55 5.04
CA GLY D 123 27.84 32.45 4.11
C GLY D 123 28.48 31.21 4.69
N PRO D 124 28.17 30.07 4.11
CA PRO D 124 28.65 28.79 4.64
C PRO D 124 30.04 28.45 4.12
N SER D 125 30.70 27.55 4.84
CA SER D 125 31.85 26.85 4.32
C SER D 125 31.49 25.38 4.15
N VAL D 126 31.88 24.80 3.02
CA VAL D 126 31.55 23.42 2.69
C VAL D 126 32.83 22.60 2.67
N PHE D 127 32.81 21.46 3.35
CA PHE D 127 33.96 20.61 3.52
C PHE D 127 33.63 19.22 2.99
N PRO D 128 34.57 18.52 2.38
CA PRO D 128 34.26 17.18 1.88
C PRO D 128 34.22 16.16 3.01
N LEU D 129 33.39 15.14 2.82
CA LEU D 129 33.26 14.03 3.75
C LEU D 129 33.57 12.77 2.94
N ALA D 130 34.79 12.26 3.11
CA ALA D 130 35.24 11.04 2.48
C ALA D 130 35.85 10.15 3.55
N PRO D 131 35.82 8.83 3.37
CA PRO D 131 36.39 7.94 4.40
C PRO D 131 37.89 8.16 4.53
N CYS D 132 38.39 7.95 5.75
CA CYS D 132 39.82 8.07 6.02
C CYS D 132 40.62 7.19 5.07
N SER D 133 40.49 5.89 5.20
CA SER D 133 41.06 4.96 4.23
C SER D 133 40.02 4.69 3.14
N ARG D 134 40.22 3.64 2.36
CA ARG D 134 39.27 3.17 1.37
C ARG D 134 39.13 1.67 1.57
N SER D 135 37.96 1.13 1.22
CA SER D 135 37.72 -0.28 1.50
C SER D 135 36.65 -0.83 0.57
N THR D 136 36.81 -2.10 0.21
CA THR D 136 35.76 -2.84 -0.49
C THR D 136 35.21 -3.96 0.37
N SER D 137 35.65 -4.08 1.64
CA SER D 137 35.00 -5.02 2.53
C SER D 137 33.54 -4.66 2.72
N GLU D 138 33.25 -3.37 2.66
CA GLU D 138 31.89 -2.87 2.50
C GLU D 138 31.60 -2.77 1.01
N SER D 139 30.46 -3.30 0.60
CA SER D 139 30.15 -3.31 -0.83
C SER D 139 29.68 -1.95 -1.34
N THR D 140 29.15 -1.11 -0.45
CA THR D 140 28.67 0.21 -0.83
C THR D 140 29.35 1.25 0.05
N ALA D 141 29.89 2.30 -0.56
CA ALA D 141 30.59 3.36 0.14
C ALA D 141 29.69 4.59 0.23
N ALA D 142 30.06 5.50 1.13
CA ALA D 142 29.28 6.72 1.35
C ALA D 142 30.20 7.93 1.24
N LEU D 143 29.74 8.94 0.50
CA LEU D 143 30.44 10.21 0.38
C LEU D 143 29.50 11.32 0.86
N GLY D 144 30.06 12.51 1.05
CA GLY D 144 29.20 13.60 1.44
C GLY D 144 29.94 14.91 1.48
N CYS D 145 29.25 15.93 1.98
CA CYS D 145 29.88 17.21 2.23
C CYS D 145 29.10 17.98 3.29
N LEU D 146 29.85 18.56 4.21
CA LEU D 146 29.33 19.27 5.39
C LEU D 146 29.29 20.76 5.10
N VAL D 147 28.10 21.34 5.15
CA VAL D 147 27.88 22.76 4.94
C VAL D 147 27.68 23.40 6.31
N LYS D 148 28.64 24.20 6.75
CA LYS D 148 28.74 24.63 8.14
C LYS D 148 28.78 26.15 8.24
N ASP D 149 28.16 26.65 9.32
CA ASP D 149 28.31 28.02 9.80
C ASP D 149 27.79 29.03 8.76
N TYR D 150 26.48 28.96 8.57
CA TYR D 150 25.79 29.86 7.66
C TYR D 150 24.51 30.39 8.31
N PHE D 151 24.04 31.50 7.77
CA PHE D 151 22.84 32.17 8.25
C PHE D 151 22.40 33.17 7.21
N PRO D 152 21.09 33.27 6.92
CA PRO D 152 20.08 32.41 7.52
C PRO D 152 19.75 31.17 6.71
N GLU D 153 18.55 30.65 6.93
CA GLU D 153 18.05 29.55 6.12
C GLU D 153 17.67 30.12 4.74
N PRO D 154 17.71 29.28 3.69
CA PRO D 154 18.04 27.87 3.55
C PRO D 154 19.34 27.72 2.79
N VAL D 155 19.91 26.53 2.78
CA VAL D 155 20.98 26.19 1.85
C VAL D 155 20.46 25.10 0.93
N THR D 156 20.83 25.17 -0.35
CA THR D 156 20.39 24.17 -1.32
C THR D 156 21.59 23.39 -1.82
N VAL D 157 21.48 22.07 -1.80
CA VAL D 157 22.58 21.17 -2.12
C VAL D 157 22.10 20.16 -3.16
N SER D 158 22.75 20.18 -4.32
CA SER D 158 22.57 19.15 -5.35
C SER D 158 23.86 18.35 -5.47
N TRP D 159 23.80 17.26 -6.21
CA TRP D 159 24.98 16.43 -6.46
C TRP D 159 25.22 16.26 -7.95
N ASN D 160 26.47 16.52 -8.36
CA ASN D 160 26.89 16.41 -9.76
C ASN D 160 25.96 17.21 -10.68
N SER D 161 25.69 18.45 -10.27
CA SER D 161 24.80 19.35 -11.00
C SER D 161 23.44 18.71 -11.27
N GLY D 162 22.86 18.11 -10.23
CA GLY D 162 21.54 17.56 -10.30
C GLY D 162 21.43 16.21 -10.98
N ALA D 163 22.53 15.68 -11.53
CA ALA D 163 22.49 14.43 -12.25
C ALA D 163 22.42 13.20 -11.33
N LEU D 164 22.81 13.34 -10.07
CA LEU D 164 22.83 12.22 -9.12
C LEU D 164 21.82 12.49 -8.02
N THR D 165 20.72 11.74 -8.02
CA THR D 165 19.65 11.88 -7.04
C THR D 165 19.37 10.61 -6.25
N SER D 166 19.53 9.44 -6.86
CA SER D 166 19.26 8.19 -6.16
C SER D 166 20.19 8.01 -4.97
N GLY D 167 19.61 7.79 -3.80
CA GLY D 167 20.40 7.56 -2.60
C GLY D 167 21.00 8.79 -1.97
N VAL D 168 20.49 9.98 -2.28
CA VAL D 168 20.98 11.22 -1.70
C VAL D 168 20.13 11.58 -0.49
N HIS D 169 20.79 11.84 0.64
CA HIS D 169 20.12 12.35 1.83
C HIS D 169 20.77 13.66 2.25
N THR D 170 20.01 14.74 2.22
CA THR D 170 20.42 15.99 2.82
C THR D 170 19.61 16.15 4.11
N PHE D 171 20.31 16.24 5.23
CA PHE D 171 19.66 16.24 6.52
C PHE D 171 19.09 17.62 6.82
N PRO D 172 18.05 17.69 7.66
CA PRO D 172 17.53 19.00 8.06
C PRO D 172 18.59 19.80 8.78
N ALA D 173 18.58 21.10 8.57
CA ALA D 173 19.55 21.98 9.21
C ALA D 173 19.38 21.94 10.72
N VAL D 174 20.49 22.01 11.43
CA VAL D 174 20.50 22.01 12.89
C VAL D 174 21.25 23.24 13.36
N LEU D 175 20.73 23.87 14.42
CA LEU D 175 21.26 25.12 14.92
C LEU D 175 22.34 24.85 15.95
N GLN D 176 23.45 25.57 15.84
CA GLN D 176 24.57 25.39 16.75
C GLN D 176 24.47 26.38 17.90
N SER D 177 25.35 26.21 18.89
CA SER D 177 25.41 27.16 19.99
C SER D 177 25.82 28.56 19.51
N SER D 178 26.54 28.64 18.40
CA SER D 178 26.99 29.92 17.86
C SER D 178 25.86 30.74 17.25
N GLY D 179 24.68 30.15 17.07
CA GLY D 179 23.60 30.81 16.36
C GLY D 179 23.65 30.65 14.86
N LEU D 180 24.52 29.79 14.34
CA LEU D 180 24.67 29.57 12.92
C LEU D 180 24.15 28.17 12.57
N TYR D 181 23.72 28.00 11.33
CA TYR D 181 23.19 26.73 10.87
C TYR D 181 24.28 25.86 10.26
N SER D 182 24.07 24.56 10.33
CA SER D 182 24.98 23.61 9.70
C SER D 182 24.23 22.32 9.39
N LEU D 183 24.41 21.81 8.19
CA LEU D 183 23.83 20.55 7.77
C LEU D 183 24.89 19.77 7.00
N SER D 184 24.55 18.54 6.65
CA SER D 184 25.42 17.75 5.80
C SER D 184 24.56 17.05 4.76
N SER D 185 25.17 16.79 3.60
CA SER D 185 24.50 16.08 2.53
C SER D 185 25.37 14.89 2.15
N VAL D 186 24.81 13.69 2.27
CA VAL D 186 25.54 12.47 1.96
C VAL D 186 24.86 11.77 0.80
N VAL D 187 25.63 10.91 0.15
CA VAL D 187 25.17 10.09 -0.96
C VAL D 187 25.83 8.73 -0.81
N THR D 188 25.11 7.69 -1.18
CA THR D 188 25.60 6.32 -1.09
C THR D 188 25.84 5.84 -2.51
N VAL D 189 27.06 5.40 -2.79
CA VAL D 189 27.44 4.98 -4.14
C VAL D 189 28.11 3.61 -4.02
N PRO D 190 28.11 2.79 -5.07
CA PRO D 190 28.87 1.54 -5.01
C PRO D 190 30.37 1.81 -4.90
N SER D 191 31.02 1.09 -3.99
CA SER D 191 32.45 1.32 -3.75
C SER D 191 33.31 0.83 -4.89
N SER D 192 32.77 0.01 -5.80
CA SER D 192 33.48 -0.34 -7.02
C SER D 192 33.67 0.86 -7.94
N SER D 193 32.73 1.81 -7.93
CA SER D 193 32.70 2.93 -8.86
C SER D 193 33.35 4.20 -8.29
N LEU D 194 34.26 4.06 -7.32
CA LEU D 194 34.77 5.24 -6.64
C LEU D 194 35.94 5.91 -7.35
N GLY D 195 36.86 5.13 -7.94
CA GLY D 195 38.02 5.72 -8.59
C GLY D 195 37.76 6.31 -9.96
N THR D 196 36.68 5.89 -10.62
CA THR D 196 36.38 6.33 -11.98
C THR D 196 35.52 7.58 -12.04
N LYS D 197 34.47 7.65 -11.23
CA LYS D 197 33.53 8.76 -11.39
C LYS D 197 33.84 9.84 -10.38
N THR D 198 33.68 11.07 -10.82
CA THR D 198 33.88 12.25 -9.99
C THR D 198 32.56 12.70 -9.37
N TYR D 199 32.58 12.97 -8.07
CA TYR D 199 31.40 13.34 -7.30
C TYR D 199 31.61 14.74 -6.74
N THR D 200 30.84 15.71 -7.22
CA THR D 200 30.90 17.07 -6.72
C THR D 200 29.56 17.45 -6.10
N CYS D 201 29.58 17.96 -4.88
CA CYS D 201 28.37 18.49 -4.27
C CYS D 201 28.31 19.99 -4.58
N ASN D 202 27.14 20.44 -5.00
CA ASN D 202 26.92 21.83 -5.40
C ASN D 202 26.07 22.47 -4.31
N VAL D 203 26.68 23.35 -3.54
CA VAL D 203 25.98 24.02 -2.42
C VAL D 203 25.73 25.47 -2.82
N ASP D 204 24.51 25.95 -2.63
CA ASP D 204 24.21 27.36 -2.98
C ASP D 204 23.49 28.02 -1.80
N HIS D 205 23.94 29.21 -1.41
CA HIS D 205 23.31 29.97 -0.31
C HIS D 205 22.78 31.26 -0.93
N LYS D 206 21.50 31.54 -0.74
CA LYS D 206 20.90 32.71 -1.39
C LYS D 206 21.27 34.01 -0.72
N PRO D 207 21.06 34.20 0.59
CA PRO D 207 21.30 35.53 1.19
C PRO D 207 22.71 36.08 1.00
N SER D 208 23.72 35.24 0.77
CA SER D 208 25.10 35.74 0.70
C SER D 208 25.77 35.46 -0.64
N ASN D 209 24.97 35.34 -1.70
CA ASN D 209 25.42 34.91 -3.02
C ASN D 209 26.58 33.91 -2.94
N THR D 210 26.39 32.78 -2.28
CA THR D 210 27.48 31.83 -2.12
C THR D 210 27.19 30.62 -3.01
N LYS D 211 28.00 30.47 -4.06
CA LYS D 211 27.90 29.30 -4.95
C LYS D 211 29.24 28.57 -4.88
N VAL D 212 29.20 27.28 -4.57
CA VAL D 212 30.40 26.45 -4.42
C VAL D 212 30.13 25.08 -4.98
N ASP D 213 31.10 24.57 -5.75
CA ASP D 213 31.11 23.19 -6.21
C ASP D 213 32.32 22.51 -5.58
N LYS D 214 32.07 21.61 -4.62
CA LYS D 214 33.15 20.97 -3.88
C LYS D 214 33.22 19.52 -4.32
N ARG D 215 34.36 19.14 -4.91
CA ARG D 215 34.58 17.75 -5.29
C ARG D 215 35.00 16.93 -4.08
N VAL D 216 34.46 15.73 -3.97
CA VAL D 216 34.74 14.81 -2.88
C VAL D 216 35.41 13.59 -3.48
N GLU D 217 36.68 13.38 -3.11
CA GLU D 217 37.44 12.22 -3.57
C GLU D 217 38.39 11.82 -2.45
N SER D 218 38.21 10.62 -1.93
CA SER D 218 39.03 10.11 -0.82
C SER D 218 40.52 10.15 -1.14
N ILE E 2 -13.43 30.70 11.67
CA ILE E 2 -13.86 29.27 11.65
C ILE E 2 -12.64 28.45 12.01
N VAL E 3 -12.78 27.48 12.90
CA VAL E 3 -11.61 26.67 13.31
C VAL E 3 -11.73 25.27 12.71
N MET E 4 -10.71 24.84 11.99
CA MET E 4 -10.72 23.47 11.43
C MET E 4 -9.90 22.61 12.39
N THR E 5 -10.45 21.51 12.88
CA THR E 5 -9.74 20.68 13.84
C THR E 5 -9.58 19.30 13.24
N GLN E 6 -8.34 18.84 13.12
CA GLN E 6 -8.05 17.54 12.54
C GLN E 6 -7.79 16.51 13.63
N SER E 7 -8.06 15.24 13.29
CA SER E 7 -7.95 14.12 14.20
C SER E 7 -7.50 12.90 13.41
N PRO E 8 -6.43 12.21 13.84
CA PRO E 8 -5.57 12.60 14.96
C PRO E 8 -4.52 13.62 14.55
N ASP E 9 -3.65 14.01 15.48
CA ASP E 9 -2.54 14.89 15.13
C ASP E 9 -1.47 14.16 14.33
N SER E 10 -1.13 12.94 14.77
CA SER E 10 -0.23 12.09 14.02
C SER E 10 -0.85 10.71 13.91
N LEU E 11 -0.37 9.93 12.93
CA LEU E 11 -1.04 8.69 12.56
C LEU E 11 -0.04 7.79 11.87
N ALA E 12 0.12 6.57 12.39
CA ALA E 12 1.05 5.59 11.85
C ALA E 12 0.26 4.35 11.42
N VAL E 13 0.23 4.09 10.12
CA VAL E 13 -0.48 2.95 9.57
C VAL E 13 0.44 2.18 8.64
N SER E 14 0.34 0.86 8.67
CA SER E 14 1.20 0.02 7.86
C SER E 14 0.78 0.08 6.40
N LEU E 15 1.70 -0.34 5.53
CA LEU E 15 1.44 -0.36 4.10
C LEU E 15 0.23 -1.22 3.78
N GLY E 16 -0.47 -0.86 2.70
CA GLY E 16 -1.63 -1.56 2.22
C GLY E 16 -2.89 -1.45 3.05
N GLU E 17 -2.82 -0.90 4.26
CA GLU E 17 -4.00 -0.73 5.09
C GLU E 17 -4.68 0.62 4.79
N ARG E 18 -5.71 0.94 5.56
CA ARG E 18 -6.54 2.12 5.33
C ARG E 18 -6.17 3.21 6.33
N ALA E 19 -6.03 4.44 5.84
CA ALA E 19 -5.74 5.59 6.68
C ALA E 19 -6.86 6.60 6.56
N THR E 20 -7.39 7.06 7.70
CA THR E 20 -8.44 8.06 7.70
C THR E 20 -8.05 9.24 8.58
N ILE E 21 -8.26 10.44 8.05
CA ILE E 21 -8.04 11.69 8.77
C ILE E 21 -9.35 12.45 8.83
N ASN E 22 -9.69 12.98 10.00
CA ASN E 22 -10.95 13.69 10.19
C ASN E 22 -10.69 15.17 10.39
N CYS E 23 -11.66 15.98 9.96
CA CYS E 23 -11.57 17.43 10.08
C CYS E 23 -12.97 17.94 10.39
N LYS E 24 -13.08 18.70 11.48
CA LYS E 24 -14.37 19.19 11.95
C LYS E 24 -14.34 20.71 12.12
N SER E 25 -15.47 21.33 11.77
CA SER E 25 -15.62 22.77 11.71
C SER E 25 -16.48 23.30 12.85
N SER E 26 -16.15 24.52 13.30
CA SER E 26 -17.00 25.20 14.28
C SER E 26 -18.31 25.65 13.64
N GLU E 27 -18.23 26.34 12.51
CA GLU E 27 -19.40 26.71 11.73
C GLU E 27 -19.62 25.69 10.61
N SER E 28 -20.77 25.75 9.95
CA SER E 28 -21.03 24.72 8.93
C SER E 28 -20.61 25.14 7.53
N VAL E 29 -19.37 24.84 7.14
CA VAL E 29 -18.90 25.10 5.74
C VAL E 29 -19.65 24.07 4.89
N SER E 30 -20.17 24.45 3.72
CA SER E 30 -21.02 23.46 3.02
C SER E 30 -20.26 22.24 2.53
N ASN E 31 -19.40 22.43 1.55
CA ASN E 31 -18.53 21.35 1.03
C ASN E 31 -17.38 22.02 0.30
N ASP E 32 -17.09 23.27 0.68
CA ASP E 32 -16.02 24.09 0.14
C ASP E 32 -14.80 23.78 0.98
N VAL E 33 -14.50 22.49 1.06
CA VAL E 33 -13.39 21.98 1.83
C VAL E 33 -12.46 21.24 0.89
N ALA E 34 -11.16 21.49 1.03
CA ALA E 34 -10.14 20.84 0.22
C ALA E 34 -9.12 20.15 1.11
N TRP E 35 -8.61 19.03 0.63
CA TRP E 35 -7.57 18.27 1.30
C TRP E 35 -6.29 18.38 0.48
N TYR E 36 -5.20 18.77 1.16
CA TYR E 36 -3.88 18.92 0.57
C TYR E 36 -2.88 18.06 1.33
N GLN E 37 -1.99 17.42 0.58
CA GLN E 37 -0.83 16.76 1.15
C GLN E 37 0.41 17.60 0.91
N GLN E 38 1.35 17.53 1.85
CA GLN E 38 2.60 18.25 1.74
C GLN E 38 3.70 17.35 2.29
N LYS E 39 4.68 17.05 1.46
CA LYS E 39 5.84 16.33 1.93
C LYS E 39 6.94 17.33 2.29
N PRO E 40 7.84 16.96 3.21
CA PRO E 40 8.80 17.95 3.72
C PRO E 40 9.66 18.55 2.62
N GLY E 41 9.69 19.88 2.58
CA GLY E 41 10.52 20.65 1.69
C GLY E 41 9.87 21.10 0.39
N GLN E 42 8.79 20.47 -0.04
CA GLN E 42 8.09 20.91 -1.23
C GLN E 42 6.73 21.53 -0.90
N PRO E 43 6.11 22.27 -1.83
CA PRO E 43 4.84 22.92 -1.54
C PRO E 43 3.71 21.92 -1.37
N PRO E 44 2.61 22.33 -0.73
CA PRO E 44 1.43 21.47 -0.65
C PRO E 44 0.82 21.20 -2.02
N LYS E 45 0.25 20.00 -2.17
CA LYS E 45 -0.42 19.60 -3.40
C LYS E 45 -1.85 19.17 -3.10
N LEU E 46 -2.78 19.60 -3.95
CA LEU E 46 -4.20 19.40 -3.69
C LEU E 46 -4.60 17.95 -3.98
N LEU E 47 -5.34 17.35 -3.05
CA LEU E 47 -5.88 16.01 -3.23
C LEU E 47 -7.37 16.03 -3.49
N ILE E 48 -8.16 16.65 -2.61
CA ILE E 48 -9.61 16.60 -2.69
C ILE E 48 -10.15 18.03 -2.75
N ASN E 49 -11.07 18.27 -3.67
CA ASN E 49 -11.77 19.57 -3.69
C ASN E 49 -13.26 19.28 -3.58
N TYR E 50 -14.02 20.24 -3.09
CA TYR E 50 -15.47 20.15 -2.90
C TYR E 50 -15.86 18.96 -2.02
N ALA E 51 -15.01 18.66 -1.03
CA ALA E 51 -15.28 17.74 0.07
C ALA E 51 -15.33 16.27 -0.33
N PHE E 52 -15.75 15.99 -1.57
CA PHE E 52 -15.87 14.63 -2.06
C PHE E 52 -15.06 14.36 -3.32
N HIS E 53 -14.89 15.35 -4.19
CA HIS E 53 -14.37 15.15 -5.52
C HIS E 53 -12.86 14.91 -5.47
N ARG E 54 -12.43 13.81 -6.04
CA ARG E 54 -11.01 13.54 -6.22
C ARG E 54 -10.48 14.44 -7.33
N PHE E 55 -9.52 15.30 -6.98
CA PHE E 55 -8.93 16.25 -7.93
C PHE E 55 -8.44 15.55 -9.19
N THR E 56 -8.28 16.27 -10.29
CA THR E 56 -7.80 15.66 -11.52
C THR E 56 -6.35 15.19 -11.36
N GLY E 57 -6.07 13.96 -11.75
CA GLY E 57 -4.72 13.44 -11.81
C GLY E 57 -4.17 12.84 -10.53
N VAL E 58 -4.93 12.82 -9.44
CA VAL E 58 -4.44 12.25 -8.18
C VAL E 58 -4.91 10.80 -8.11
N PRO E 59 -4.08 9.86 -7.60
CA PRO E 59 -4.42 8.43 -7.66
C PRO E 59 -5.78 8.03 -7.10
N ASP E 60 -6.21 6.81 -7.45
CA ASP E 60 -7.56 6.36 -7.13
C ASP E 60 -7.75 6.03 -5.66
N ARG E 61 -6.67 5.88 -4.89
CA ARG E 61 -6.79 5.50 -3.49
C ARG E 61 -7.14 6.66 -2.57
N PHE E 62 -7.10 7.90 -3.06
CA PHE E 62 -7.49 9.05 -2.27
C PHE E 62 -8.97 9.35 -2.48
N SER E 63 -9.70 9.54 -1.37
CA SER E 63 -11.11 9.87 -1.46
C SER E 63 -11.48 10.81 -0.31
N GLY E 64 -12.49 11.63 -0.54
CA GLY E 64 -12.99 12.53 0.48
C GLY E 64 -14.48 12.34 0.68
N SER E 65 -14.91 12.61 1.90
CA SER E 65 -16.34 12.58 2.19
C SER E 65 -16.64 13.57 3.31
N GLY E 66 -17.91 13.93 3.44
CA GLY E 66 -18.35 14.81 4.50
C GLY E 66 -19.03 16.06 3.96
N TYR E 67 -19.71 16.74 4.88
CA TYR E 67 -20.50 17.91 4.50
C TYR E 67 -20.95 18.61 5.76
N GLY E 68 -21.00 19.94 5.71
CA GLY E 68 -21.40 20.75 6.85
C GLY E 68 -20.29 20.98 7.85
N THR E 69 -20.05 20.01 8.71
CA THR E 69 -19.06 20.16 9.76
C THR E 69 -18.07 19.01 9.87
N ASP E 70 -18.42 17.81 9.41
CA ASP E 70 -17.52 16.65 9.47
C ASP E 70 -17.05 16.28 8.07
N PHE E 71 -15.74 16.14 7.92
CA PHE E 71 -15.12 15.74 6.66
C PHE E 71 -14.03 14.73 6.98
N THR E 72 -13.83 13.79 6.06
CA THR E 72 -12.83 12.73 6.20
C THR E 72 -12.08 12.57 4.90
N LEU E 73 -10.75 12.61 4.99
CA LEU E 73 -9.86 12.12 3.96
C LEU E 73 -9.56 10.65 4.22
N THR E 74 -9.62 9.84 3.16
CA THR E 74 -9.36 8.41 3.29
C THR E 74 -8.41 7.97 2.19
N ILE E 75 -7.27 7.43 2.59
CA ILE E 75 -6.36 6.75 1.69
C ILE E 75 -6.62 5.26 1.84
N SER E 76 -6.97 4.61 0.72
CA SER E 76 -7.52 3.26 0.77
C SER E 76 -6.43 2.22 0.96
N SER E 77 -5.57 2.06 -0.03
CA SER E 77 -4.46 1.12 0.03
C SER E 77 -3.17 1.93 0.12
N LEU E 78 -2.75 2.19 1.34
CA LEU E 78 -1.62 3.08 1.58
C LEU E 78 -0.33 2.47 1.03
N GLN E 79 0.44 3.26 0.31
CA GLN E 79 1.75 2.84 -0.14
C GLN E 79 2.78 3.89 0.27
N ALA E 80 4.06 3.56 0.09
CA ALA E 80 5.14 4.23 0.81
C ALA E 80 5.19 5.72 0.50
N GLU E 81 4.88 6.08 -0.73
CA GLU E 81 4.99 7.46 -1.20
C GLU E 81 3.90 8.38 -0.64
N ASP E 82 3.13 7.95 0.37
CA ASP E 82 2.05 8.76 0.93
C ASP E 82 2.38 9.35 2.29
N VAL E 83 3.61 9.17 2.78
CA VAL E 83 4.04 9.76 4.04
C VAL E 83 4.17 11.27 3.86
N ALA E 84 3.41 12.04 4.64
CA ALA E 84 3.32 13.48 4.42
C ALA E 84 2.57 14.07 5.60
N VAL E 85 2.29 15.37 5.51
CA VAL E 85 1.35 16.02 6.41
C VAL E 85 0.14 16.43 5.58
N TYR E 86 -1.05 16.25 6.14
CA TYR E 86 -2.30 16.48 5.42
C TYR E 86 -3.09 17.57 6.10
N TYR E 87 -3.56 18.53 5.31
CA TYR E 87 -4.27 19.70 5.80
C TYR E 87 -5.64 19.77 5.14
N CYS E 88 -6.68 19.96 5.95
CA CYS E 88 -7.97 20.39 5.43
C CYS E 88 -8.00 21.91 5.39
N HIS E 89 -8.78 22.44 4.44
CA HIS E 89 -8.85 23.88 4.24
C HIS E 89 -10.26 24.24 3.82
N GLN E 90 -10.87 25.19 4.51
CA GLN E 90 -12.20 25.64 4.17
C GLN E 90 -12.12 26.92 3.36
N ALA E 91 -12.93 27.00 2.32
CA ALA E 91 -13.00 28.16 1.44
C ALA E 91 -14.40 28.75 1.47
N TYR E 92 -14.99 28.82 2.66
CA TYR E 92 -16.38 29.23 2.83
C TYR E 92 -16.51 30.70 3.21
N SER E 93 -15.86 31.11 4.31
CA SER E 93 -15.95 32.48 4.79
C SER E 93 -14.60 32.91 5.32
N SER E 94 -14.19 34.13 4.99
CA SER E 94 -12.88 34.62 5.41
C SER E 94 -12.87 34.82 6.93
N PRO E 95 -11.72 34.58 7.59
CA PRO E 95 -10.48 34.04 7.01
C PRO E 95 -10.61 32.58 6.60
N TYR E 96 -10.09 32.26 5.43
CA TYR E 96 -10.15 30.93 4.86
C TYR E 96 -9.05 30.10 5.51
N THR E 97 -9.37 29.51 6.66
CA THR E 97 -8.40 28.89 7.54
C THR E 97 -8.10 27.46 7.13
N PHE E 98 -6.98 26.96 7.66
CA PHE E 98 -6.50 25.61 7.45
C PHE E 98 -6.66 24.80 8.73
N GLY E 99 -6.59 23.47 8.60
CA GLY E 99 -6.45 22.62 9.76
C GLY E 99 -5.03 22.65 10.30
N GLN E 100 -4.86 22.12 11.51
CA GLN E 100 -3.53 22.14 12.12
C GLN E 100 -2.58 21.17 11.43
N GLY E 101 -3.11 20.24 10.63
CA GLY E 101 -2.30 19.25 9.97
C GLY E 101 -2.26 17.92 10.70
N THR E 102 -2.30 16.82 9.95
CA THR E 102 -2.14 15.48 10.49
C THR E 102 -0.95 14.85 9.79
N LYS E 103 0.07 14.50 10.57
CA LYS E 103 1.24 13.81 10.02
C LYS E 103 0.91 12.33 9.85
N LEU E 104 1.01 11.85 8.61
CA LEU E 104 0.84 10.44 8.32
C LEU E 104 2.23 9.88 8.02
N GLU E 105 2.72 9.09 8.97
CA GLU E 105 3.95 8.32 8.91
C GLU E 105 3.55 6.86 8.76
N ILE E 106 4.39 6.03 8.17
CA ILE E 106 3.94 4.66 7.92
C ILE E 106 4.75 3.71 8.80
N LYS E 107 4.11 2.60 9.15
CA LYS E 107 4.73 1.56 9.93
C LYS E 107 5.39 0.53 9.04
N ARG E 108 6.60 0.13 9.41
CA ARG E 108 7.47 -0.64 8.54
C ARG E 108 8.12 -1.74 9.39
N THR E 109 8.74 -2.70 8.70
CA THR E 109 9.49 -3.72 9.44
C THR E 109 10.81 -3.13 9.93
N VAL E 110 11.39 -3.79 10.93
CA VAL E 110 12.67 -3.34 11.47
C VAL E 110 13.74 -3.42 10.39
N ALA E 111 14.64 -2.43 10.39
CA ALA E 111 15.72 -2.37 9.41
C ALA E 111 16.98 -1.88 10.09
N ALA E 112 18.08 -2.60 9.88
CA ALA E 112 19.33 -2.25 10.54
C ALA E 112 20.07 -1.16 9.77
N PRO E 113 20.73 -0.25 10.48
CA PRO E 113 21.39 0.88 9.82
C PRO E 113 22.74 0.52 9.24
N SER E 114 23.07 1.19 8.13
CA SER E 114 24.42 1.16 7.59
C SER E 114 25.22 2.31 8.18
N VAL E 115 26.36 1.99 8.77
CA VAL E 115 27.11 2.95 9.57
C VAL E 115 28.34 3.40 8.79
N PHE E 116 28.60 4.71 8.80
CA PHE E 116 29.80 5.27 8.22
C PHE E 116 30.34 6.33 9.16
N ILE E 117 31.65 6.59 9.06
CA ILE E 117 32.29 7.65 9.83
C ILE E 117 33.22 8.42 8.91
N PHE E 118 33.20 9.74 9.02
CA PHE E 118 34.04 10.62 8.22
C PHE E 118 34.91 11.45 9.16
N PRO E 119 36.23 11.42 8.98
CA PRO E 119 37.11 12.30 9.74
C PRO E 119 37.06 13.71 9.19
N PRO E 120 37.47 14.71 9.96
CA PRO E 120 37.44 16.09 9.45
C PRO E 120 38.37 16.26 8.26
N SER E 121 37.90 17.01 7.27
CA SER E 121 38.68 17.31 6.07
C SER E 121 39.89 18.18 6.42
N ASP E 122 40.91 18.10 5.56
CA ASP E 122 42.12 18.89 5.79
C ASP E 122 41.88 20.38 5.54
N GLU E 123 40.93 20.73 4.68
CA GLU E 123 40.63 22.13 4.45
C GLU E 123 39.89 22.77 5.63
N GLN E 124 39.31 21.95 6.51
CA GLN E 124 38.63 22.48 7.68
C GLN E 124 39.57 22.65 8.87
N LEU E 125 40.69 21.92 8.88
CA LEU E 125 41.62 21.98 9.99
C LEU E 125 42.46 23.26 9.98
N LYS E 126 42.55 23.94 8.83
CA LYS E 126 43.14 25.28 8.81
C LYS E 126 42.42 26.20 9.78
N SER E 127 41.09 26.17 9.76
CA SER E 127 40.26 27.08 10.53
C SER E 127 40.25 26.81 12.03
N GLY E 128 40.83 25.69 12.49
CA GLY E 128 40.95 25.47 13.91
C GLY E 128 39.80 24.72 14.56
N THR E 129 38.96 24.07 13.77
CA THR E 129 37.84 23.28 14.28
C THR E 129 37.80 21.95 13.56
N ALA E 130 37.51 20.88 14.31
CA ALA E 130 37.43 19.54 13.74
C ALA E 130 36.05 18.96 13.98
N SER E 131 35.32 18.72 12.90
CA SER E 131 34.00 18.08 12.96
C SER E 131 34.13 16.68 12.36
N VAL E 132 34.03 15.66 13.21
CA VAL E 132 33.99 14.28 12.76
C VAL E 132 32.54 13.84 12.75
N VAL E 133 32.09 13.28 11.63
CA VAL E 133 30.65 13.08 11.44
C VAL E 133 30.37 11.59 11.25
N CYS E 134 29.29 11.12 11.86
CA CYS E 134 28.89 9.72 11.77
C CYS E 134 27.51 9.65 11.14
N LEU E 135 27.36 8.75 10.17
CA LEU E 135 26.16 8.66 9.34
C LEU E 135 25.53 7.28 9.49
N LEU E 136 24.23 7.26 9.75
CA LEU E 136 23.42 6.05 9.82
C LEU E 136 22.42 6.11 8.67
N ASN E 137 22.45 5.10 7.80
CA ASN E 137 21.66 5.10 6.58
C ASN E 137 20.61 3.99 6.63
N ASN E 138 19.37 4.36 6.29
CA ASN E 138 18.27 3.43 6.01
C ASN E 138 18.06 2.45 7.16
N PHE E 139 17.49 2.98 8.23
CA PHE E 139 17.10 2.18 9.38
C PHE E 139 15.67 2.52 9.80
N TYR E 140 15.11 1.65 10.63
CA TYR E 140 13.78 1.77 11.20
C TYR E 140 13.72 0.83 12.40
N PRO E 141 13.12 1.24 13.53
CA PRO E 141 12.44 2.52 13.76
C PRO E 141 13.39 3.72 13.91
N ARG E 142 12.82 4.87 14.27
CA ARG E 142 13.61 6.10 14.26
C ARG E 142 14.58 6.17 15.45
N GLU E 143 14.24 5.51 16.54
CA GLU E 143 15.07 5.55 17.74
C GLU E 143 16.38 4.79 17.52
N ALA E 144 17.50 5.49 17.67
CA ALA E 144 18.81 4.88 17.62
C ALA E 144 19.74 5.69 18.52
N LYS E 145 20.66 5.01 19.20
CA LYS E 145 21.57 5.66 20.13
C LYS E 145 22.97 5.65 19.55
N VAL E 146 23.52 6.84 19.29
CA VAL E 146 24.87 6.99 18.76
C VAL E 146 25.75 7.55 19.87
N GLN E 147 26.92 6.93 20.04
CA GLN E 147 27.84 7.18 21.12
C GLN E 147 29.21 7.46 20.51
N TRP E 148 29.80 8.59 20.89
CA TRP E 148 31.14 8.93 20.44
C TRP E 148 32.13 8.49 21.49
N LYS E 149 33.20 7.84 21.06
CA LYS E 149 34.28 7.43 21.96
C LYS E 149 35.62 7.84 21.35
N VAL E 150 36.37 8.64 22.10
CA VAL E 150 37.70 9.07 21.71
C VAL E 150 38.66 8.37 22.67
N ASP E 151 39.32 7.33 22.18
CA ASP E 151 40.12 6.43 23.02
C ASP E 151 39.30 5.91 24.20
N ASN E 152 38.07 5.49 23.90
CA ASN E 152 37.11 4.96 24.87
C ASN E 152 36.76 5.96 25.97
N ALA E 153 36.98 7.25 25.73
CA ALA E 153 36.43 8.30 26.57
C ALA E 153 35.07 8.70 26.01
N LEU E 154 34.01 8.47 26.77
CA LEU E 154 32.65 8.71 26.30
C LEU E 154 32.34 10.20 26.36
N GLN E 155 31.98 10.78 25.20
CA GLN E 155 31.75 12.22 25.09
C GLN E 155 30.51 12.65 25.85
N SER E 156 30.57 13.86 26.41
CA SER E 156 29.51 14.39 27.25
C SER E 156 28.54 15.29 26.49
N GLY E 157 29.03 16.30 25.78
CA GLY E 157 28.13 17.32 25.27
C GLY E 157 28.53 18.05 24.00
N ASN E 158 29.31 17.43 23.12
CA ASN E 158 29.83 18.13 21.96
C ASN E 158 29.38 17.52 20.62
N SER E 159 28.21 16.90 20.57
CA SER E 159 27.71 16.35 19.32
C SER E 159 26.27 16.77 19.12
N GLN E 160 25.87 16.83 17.84
CA GLN E 160 24.48 17.10 17.48
C GLN E 160 23.98 16.03 16.52
N GLU E 161 22.71 15.65 16.69
CA GLU E 161 22.05 14.75 15.77
C GLU E 161 21.08 15.51 14.89
N SER E 162 20.88 14.99 13.67
CA SER E 162 19.75 15.40 12.86
C SER E 162 19.30 14.21 12.05
N VAL E 163 17.98 14.10 11.86
CA VAL E 163 17.37 12.91 11.27
C VAL E 163 16.54 13.35 10.07
N THR E 164 16.69 12.62 8.97
CA THR E 164 15.83 12.87 7.82
C THR E 164 14.39 12.49 8.16
N GLU E 165 13.45 13.00 7.36
CA GLU E 165 12.12 12.43 7.49
C GLU E 165 12.05 11.10 6.73
N GLN E 166 11.03 10.31 7.07
CA GLN E 166 10.88 8.98 6.51
C GLN E 166 10.95 9.02 4.99
N ASP E 167 11.79 8.14 4.45
CA ASP E 167 12.04 8.13 3.01
C ASP E 167 10.81 7.61 2.28
N SER E 168 10.39 8.30 1.22
CA SER E 168 9.13 7.96 0.59
C SER E 168 9.28 6.83 -0.44
N LYS E 169 10.47 6.24 -0.53
CA LYS E 169 10.73 5.06 -1.35
C LYS E 169 10.69 3.78 -0.52
N ASP E 170 11.44 3.73 0.58
CA ASP E 170 11.53 2.53 1.41
C ASP E 170 11.15 2.77 2.86
N SER E 171 10.80 4.01 3.22
CA SER E 171 10.21 4.34 4.51
C SER E 171 11.17 4.15 5.68
N THR E 172 12.45 4.36 5.42
CA THR E 172 13.50 4.31 6.43
C THR E 172 13.93 5.72 6.82
N TYR E 173 14.66 5.81 7.93
CA TYR E 173 15.30 7.05 8.33
C TYR E 173 16.79 6.99 8.09
N SER E 174 17.41 8.16 8.14
CA SER E 174 18.86 8.28 8.19
C SER E 174 19.16 9.37 9.20
N LEU E 175 20.24 9.18 9.96
CA LEU E 175 20.57 10.07 11.05
C LEU E 175 22.05 10.43 10.93
N SER E 176 22.37 11.69 11.16
CA SER E 176 23.77 12.12 11.13
C SER E 176 24.08 12.82 12.43
N SER E 177 25.13 12.36 13.09
CA SER E 177 25.59 12.94 14.35
C SER E 177 26.98 13.51 14.11
N THR E 178 27.12 14.81 14.31
CA THR E 178 28.39 15.50 14.10
C THR E 178 28.98 15.82 15.46
N LEU E 179 30.21 15.36 15.68
CA LEU E 179 30.94 15.62 16.91
C LEU E 179 31.95 16.71 16.62
N THR E 180 31.79 17.84 17.32
CA THR E 180 32.59 19.04 17.08
C THR E 180 33.62 19.18 18.19
N LEU E 181 34.85 19.46 17.80
CA LEU E 181 35.96 19.59 18.72
C LEU E 181 36.80 20.78 18.30
N SER E 182 37.54 21.32 19.26
CA SER E 182 38.61 22.22 18.88
C SER E 182 39.74 21.41 18.26
N LYS E 183 40.56 22.07 17.44
CA LYS E 183 41.62 21.34 16.75
C LYS E 183 42.61 20.73 17.74
N ALA E 184 42.89 21.44 18.83
CA ALA E 184 43.78 20.91 19.86
C ALA E 184 43.24 19.62 20.45
N ASP E 185 41.96 19.62 20.86
CA ASP E 185 41.34 18.40 21.38
C ASP E 185 41.37 17.27 20.36
N TYR E 186 41.25 17.59 19.07
CA TYR E 186 41.21 16.56 18.05
C TYR E 186 42.59 15.97 17.80
N GLU E 187 43.61 16.81 17.77
CA GLU E 187 44.98 16.37 17.56
C GLU E 187 45.68 15.99 18.86
N LYS E 188 44.94 15.94 19.97
CA LYS E 188 45.46 15.38 21.22
C LYS E 188 45.28 13.86 21.33
N HIS E 189 44.36 13.28 20.55
CA HIS E 189 44.03 11.86 20.69
C HIS E 189 44.25 11.15 19.36
N LYS E 190 44.02 9.84 19.38
CA LYS E 190 44.38 8.95 18.28
C LYS E 190 43.16 8.28 17.66
N VAL E 191 42.40 7.50 18.42
CA VAL E 191 41.35 6.64 17.88
C VAL E 191 40.00 7.30 18.07
N TYR E 192 39.22 7.38 17.00
CA TYR E 192 37.88 7.96 17.02
C TYR E 192 36.89 6.89 16.59
N ALA E 193 35.90 6.62 17.42
CA ALA E 193 34.95 5.55 17.18
C ALA E 193 33.53 6.08 17.31
N CYS E 194 32.70 5.76 16.33
CA CYS E 194 31.26 5.96 16.41
C CYS E 194 30.63 4.59 16.65
N GLU E 195 29.93 4.46 17.78
CA GLU E 195 29.28 3.22 18.16
C GLU E 195 27.78 3.47 18.22
N VAL E 196 27.02 2.65 17.52
CA VAL E 196 25.59 2.85 17.39
C VAL E 196 24.87 1.59 17.85
N THR E 197 23.85 1.78 18.68
CA THR E 197 22.96 0.72 19.13
C THR E 197 21.58 1.01 18.58
N HIS E 198 20.97 -0.02 18.00
CA HIS E 198 19.65 0.12 17.39
C HIS E 198 18.92 -1.19 17.55
N GLN E 199 17.59 -1.12 17.56
CA GLN E 199 16.78 -2.32 17.77
C GLN E 199 16.93 -3.32 16.64
N GLY E 200 17.49 -2.92 15.49
CA GLY E 200 17.70 -3.79 14.37
C GLY E 200 19.03 -4.51 14.33
N LEU E 201 19.88 -4.28 15.32
CA LEU E 201 21.17 -4.93 15.41
C LEU E 201 21.19 -5.89 16.59
N SER E 202 21.89 -7.00 16.43
CA SER E 202 22.03 -7.97 17.51
C SER E 202 22.96 -7.43 18.60
N SER E 203 23.89 -6.56 18.23
CA SER E 203 24.87 -6.00 19.15
C SER E 203 25.28 -4.63 18.62
N PRO E 204 25.81 -3.77 19.49
CA PRO E 204 26.27 -2.46 19.01
C PRO E 204 27.30 -2.59 17.89
N VAL E 205 27.24 -1.65 16.95
CA VAL E 205 28.14 -1.62 15.80
C VAL E 205 29.04 -0.41 15.94
N THR E 206 30.35 -0.64 15.81
CA THR E 206 31.33 0.43 15.93
C THR E 206 32.12 0.55 14.64
N LYS E 207 32.22 1.77 14.13
CA LYS E 207 33.10 2.08 13.02
C LYS E 207 34.04 3.20 13.49
N SER E 208 35.33 3.00 13.24
CA SER E 208 36.35 3.85 13.85
C SER E 208 37.44 4.14 12.83
N PHE E 209 38.38 5.00 13.24
CA PHE E 209 39.57 5.31 12.48
C PHE E 209 40.60 5.94 13.41
N ASN E 210 41.88 5.78 13.07
CA ASN E 210 42.95 6.39 13.85
C ASN E 210 43.26 7.76 13.27
N ARG E 211 43.60 8.71 14.14
CA ARG E 211 43.75 10.11 13.72
C ARG E 211 44.91 10.27 12.75
N GLY E 212 44.66 11.00 11.66
CA GLY E 212 45.70 11.49 10.79
C GLY E 212 46.48 10.46 10.02
N GLU E 213 46.41 9.18 10.38
CA GLU E 213 47.06 8.19 9.53
C GLU E 213 46.38 8.03 8.17
N CYS E 214 45.35 8.81 7.88
CA CYS E 214 44.69 8.80 6.59
C CYS E 214 45.67 9.08 5.45
N ASN F 9 -27.79 4.24 -9.65
CA ASN F 9 -28.89 5.19 -9.43
C ASN F 9 -28.44 6.66 -9.40
N PRO F 10 -27.77 7.11 -10.47
CA PRO F 10 -27.24 8.48 -10.47
C PRO F 10 -28.27 9.45 -11.02
N PRO F 11 -28.00 10.75 -10.99
CA PRO F 11 -28.90 11.70 -11.65
C PRO F 11 -28.59 11.80 -13.14
N THR F 12 -29.54 12.38 -13.88
CA THR F 12 -29.40 12.53 -15.32
C THR F 12 -29.46 14.01 -15.67
N PHE F 13 -28.60 14.41 -16.61
CA PHE F 13 -28.45 15.80 -17.03
C PHE F 13 -28.86 15.88 -18.49
N SER F 14 -29.80 16.74 -18.80
CA SER F 14 -30.35 16.84 -20.14
C SER F 14 -30.55 18.30 -20.49
N PRO F 15 -30.60 18.65 -21.79
CA PRO F 15 -30.33 17.75 -22.93
C PRO F 15 -28.83 17.47 -23.05
N ALA F 16 -28.48 16.42 -23.79
CA ALA F 16 -27.07 16.06 -23.94
C ALA F 16 -26.27 17.16 -24.62
N LEU F 17 -26.94 18.04 -25.37
CA LEU F 17 -26.29 19.17 -26.03
C LEU F 17 -27.38 20.16 -26.39
N LEU F 18 -27.15 21.43 -26.04
CA LEU F 18 -28.05 22.50 -26.42
C LEU F 18 -27.23 23.73 -26.78
N VAL F 19 -27.73 24.49 -27.76
CA VAL F 19 -27.03 25.65 -28.28
C VAL F 19 -27.95 26.85 -28.18
N VAL F 20 -27.45 27.93 -27.56
CA VAL F 20 -28.23 29.19 -27.46
C VAL F 20 -27.32 30.34 -27.91
N THR F 21 -27.92 31.37 -28.51
CA THR F 21 -27.17 32.56 -28.97
C THR F 21 -26.78 33.39 -27.74
N GLU F 22 -25.71 34.20 -27.85
CA GLU F 22 -25.24 34.99 -26.69
C GLU F 22 -26.37 35.92 -26.20
N GLY F 23 -26.51 36.06 -24.88
CA GLY F 23 -27.55 36.93 -24.30
C GLY F 23 -28.87 36.24 -24.04
N ASP F 24 -28.94 34.92 -24.22
CA ASP F 24 -30.23 34.20 -23.97
C ASP F 24 -30.06 33.19 -22.84
N ASN F 25 -31.05 33.14 -21.93
CA ASN F 25 -31.00 32.15 -20.85
C ASN F 25 -30.87 30.75 -21.46
N ALA F 26 -29.95 29.97 -20.92
CA ALA F 26 -29.83 28.57 -21.25
C ALA F 26 -30.11 27.77 -20.00
N THR F 27 -30.74 26.60 -20.16
CA THR F 27 -31.17 25.87 -18.98
C THR F 27 -31.05 24.38 -19.23
N PHE F 28 -30.39 23.71 -18.31
CA PHE F 28 -30.33 22.25 -18.25
C PHE F 28 -31.34 21.76 -17.23
N THR F 29 -31.66 20.48 -17.31
CA THR F 29 -32.56 19.83 -16.38
C THR F 29 -31.84 18.63 -15.78
N CYS F 30 -31.80 18.58 -14.45
CA CYS F 30 -31.14 17.48 -13.75
C CYS F 30 -32.17 16.74 -12.89
N SER F 31 -32.31 15.44 -13.16
CA SER F 31 -33.33 14.62 -12.46
C SER F 31 -32.69 13.73 -11.40
N PHE F 32 -33.34 13.67 -10.23
CA PHE F 32 -32.92 12.84 -9.07
C PHE F 32 -34.12 12.52 -8.18
N SER F 33 -33.91 11.66 -7.18
CA SER F 33 -34.97 11.18 -6.25
C SER F 33 -34.91 11.90 -4.90
N ASN F 34 -35.96 12.67 -4.58
CA ASN F 34 -36.04 13.35 -3.26
C ASN F 34 -36.61 12.37 -2.24
N THR F 35 -35.79 11.40 -1.82
CA THR F 35 -36.19 10.38 -0.80
C THR F 35 -36.44 11.14 0.51
N SER F 36 -35.55 12.09 0.80
CA SER F 36 -35.54 12.95 2.01
C SER F 36 -35.16 14.37 1.58
N GLU F 37 -35.37 15.37 2.43
CA GLU F 37 -34.89 16.76 2.12
C GLU F 37 -33.46 16.93 2.65
N SER F 38 -32.93 15.90 3.32
CA SER F 38 -31.55 15.80 3.84
C SER F 38 -30.67 15.34 2.69
N PHE F 39 -30.42 16.23 1.73
CA PHE F 39 -29.57 15.98 0.54
C PHE F 39 -29.35 17.33 -0.15
N VAL F 40 -28.27 17.44 -0.92
CA VAL F 40 -28.07 18.75 -1.59
C VAL F 40 -27.44 18.49 -2.95
N LEU F 41 -27.65 19.45 -3.87
CA LEU F 41 -27.17 19.34 -5.24
C LEU F 41 -26.04 20.32 -5.50
N ASN F 42 -25.06 19.90 -6.29
CA ASN F 42 -24.08 20.79 -6.88
C ASN F 42 -24.17 20.75 -8.41
N TRP F 43 -23.82 21.86 -9.03
CA TRP F 43 -23.77 22.01 -10.48
C TRP F 43 -22.37 22.47 -10.84
N TYR F 44 -21.65 21.63 -11.60
CA TYR F 44 -20.24 21.78 -11.90
C TYR F 44 -20.02 22.00 -13.40
N ARG F 45 -18.89 22.63 -13.72
CA ARG F 45 -18.40 22.77 -15.08
C ARG F 45 -17.01 22.16 -15.15
N MET F 46 -16.83 21.19 -16.04
CA MET F 46 -15.56 20.48 -16.16
C MET F 46 -14.74 21.08 -17.32
N SER F 47 -13.54 21.54 -16.99
CA SER F 47 -12.60 22.12 -17.95
C SER F 47 -12.15 21.09 -18.97
N PRO F 48 -11.54 21.51 -20.08
CA PRO F 48 -11.06 20.52 -21.07
C PRO F 48 -10.06 19.53 -20.48
N SER F 49 -9.40 19.87 -19.38
CA SER F 49 -8.46 18.98 -18.71
C SER F 49 -9.10 18.21 -17.56
N ASN F 50 -10.42 18.00 -17.63
CA ASN F 50 -11.19 17.26 -16.63
C ASN F 50 -11.18 17.95 -15.26
N GLN F 51 -10.80 19.22 -15.21
CA GLN F 51 -10.75 19.91 -13.89
C GLN F 51 -12.11 20.50 -13.58
N THR F 52 -12.68 20.17 -12.43
CA THR F 52 -14.04 20.65 -12.07
C THR F 52 -14.06 22.04 -11.46
N ASP F 53 -15.11 22.78 -11.75
CA ASP F 53 -15.41 24.12 -11.20
C ASP F 53 -16.82 24.02 -10.65
N LYS F 54 -17.04 24.44 -9.41
CA LYS F 54 -18.40 24.36 -8.85
C LYS F 54 -19.11 25.65 -9.21
N LEU F 55 -20.16 25.59 -10.03
CA LEU F 55 -20.84 26.82 -10.40
C LEU F 55 -21.95 27.16 -9.43
N ALA F 56 -22.75 26.19 -9.02
CA ALA F 56 -23.82 26.58 -8.08
C ALA F 56 -24.25 25.38 -7.26
N ALA F 57 -24.97 25.65 -6.19
CA ALA F 57 -25.50 24.58 -5.32
C ALA F 57 -26.91 24.94 -4.91
N PHE F 58 -27.77 23.95 -4.71
CA PHE F 58 -29.11 24.31 -4.20
C PHE F 58 -29.39 23.50 -2.96
N PRO F 59 -29.57 24.09 -1.75
CA PRO F 59 -29.59 25.55 -1.56
C PRO F 59 -28.31 26.38 -1.65
N GLU F 60 -28.51 27.68 -1.91
CA GLU F 60 -27.45 28.70 -2.06
C GLU F 60 -26.63 28.83 -0.76
N ASP F 61 -25.37 29.25 -0.85
CA ASP F 61 -24.59 29.37 0.40
C ASP F 61 -24.28 30.80 0.88
N ARG F 62 -23.60 31.66 0.10
CA ARG F 62 -23.25 32.98 0.69
C ARG F 62 -22.97 34.09 -0.34
N SER F 63 -22.85 35.35 0.10
CA SER F 63 -22.56 36.49 -0.81
C SER F 63 -21.20 36.30 -1.50
N GLN F 64 -20.15 35.92 -0.74
CA GLN F 64 -18.71 35.84 -1.14
C GLN F 64 -18.50 35.69 -2.65
N PRO F 65 -18.38 34.45 -3.18
CA PRO F 65 -18.33 34.21 -4.60
C PRO F 65 -19.70 33.72 -5.09
N GLY F 66 -20.68 33.67 -4.20
CA GLY F 66 -22.03 33.22 -4.58
C GLY F 66 -22.95 34.37 -4.93
N GLN F 67 -22.47 35.62 -4.86
CA GLN F 67 -23.32 36.80 -5.19
C GLN F 67 -23.75 36.71 -6.65
N ASP F 68 -22.84 36.29 -7.53
CA ASP F 68 -23.16 36.19 -8.97
C ASP F 68 -24.38 35.28 -9.10
N CYS F 69 -25.42 35.77 -9.78
CA CYS F 69 -26.66 35.00 -9.96
C CYS F 69 -26.77 34.55 -11.41
N ARG F 70 -25.68 34.74 -12.18
CA ARG F 70 -25.65 34.30 -13.60
C ARG F 70 -26.04 32.82 -13.59
N PHE F 71 -25.55 32.08 -12.59
CA PHE F 71 -25.93 30.66 -12.53
C PHE F 71 -26.96 30.52 -11.40
N ARG F 72 -28.17 30.11 -11.75
CA ARG F 72 -29.24 29.93 -10.74
C ARG F 72 -29.70 28.48 -10.79
N VAL F 73 -29.95 27.89 -9.64
CA VAL F 73 -30.48 26.51 -9.62
C VAL F 73 -31.83 26.59 -8.93
N THR F 74 -32.88 26.11 -9.60
CA THR F 74 -34.24 26.21 -9.06
C THR F 74 -34.86 24.82 -8.97
N GLN F 75 -35.63 24.60 -7.91
CA GLN F 75 -36.26 23.32 -7.63
C GLN F 75 -37.66 23.27 -8.22
N LEU F 76 -37.99 22.15 -8.89
CA LEU F 76 -39.30 22.07 -9.51
C LEU F 76 -40.29 21.38 -8.57
N PRO F 77 -41.59 21.71 -8.69
CA PRO F 77 -42.56 21.26 -7.68
C PRO F 77 -42.74 19.76 -7.59
N ASN F 78 -42.45 19.00 -8.64
CA ASN F 78 -42.62 17.55 -8.54
C ASN F 78 -41.52 16.90 -7.71
N GLY F 79 -40.38 17.57 -7.54
CA GLY F 79 -39.31 17.11 -6.69
C GLY F 79 -38.22 16.31 -7.38
N ARG F 80 -38.53 15.66 -8.50
CA ARG F 80 -37.54 14.81 -9.15
C ARG F 80 -36.39 15.61 -9.76
N ASP F 81 -36.66 16.80 -10.28
CA ASP F 81 -35.70 17.48 -11.13
C ASP F 81 -35.58 18.95 -10.77
N PHE F 82 -34.55 19.56 -11.36
CA PHE F 82 -34.12 20.93 -11.08
C PHE F 82 -33.68 21.59 -12.38
N HIS F 83 -33.87 22.91 -12.42
CA HIS F 83 -33.44 23.74 -13.55
C HIS F 83 -32.10 24.39 -13.20
N MET F 84 -31.12 24.19 -14.08
CA MET F 84 -29.79 24.80 -13.97
C MET F 84 -29.67 25.81 -15.09
N SER F 85 -29.78 27.09 -14.77
CA SER F 85 -29.89 28.14 -15.77
C SER F 85 -28.69 29.06 -15.73
N VAL F 86 -28.21 29.45 -16.90
CA VAL F 86 -27.26 30.54 -17.05
C VAL F 86 -28.04 31.67 -17.71
N VAL F 87 -28.00 32.85 -17.10
CA VAL F 87 -28.74 34.02 -17.63
C VAL F 87 -27.74 34.96 -18.29
N ARG F 88 -28.14 35.66 -19.36
CA ARG F 88 -27.28 36.66 -20.04
C ARG F 88 -25.94 36.02 -20.40
N ALA F 89 -25.97 34.84 -20.98
CA ALA F 89 -24.72 34.11 -21.24
C ALA F 89 -23.69 34.87 -22.08
N ARG F 90 -22.44 34.85 -21.63
CA ARG F 90 -21.24 35.13 -22.40
C ARG F 90 -20.95 33.99 -23.38
N ARG F 91 -20.04 34.23 -24.32
CA ARG F 91 -19.60 33.17 -25.22
C ARG F 91 -18.50 32.30 -24.62
N ASN F 92 -17.84 32.79 -23.57
CA ASN F 92 -16.79 31.95 -22.94
C ASN F 92 -17.47 30.89 -22.06
N ASP F 93 -18.76 31.05 -21.76
CA ASP F 93 -19.47 30.14 -20.88
C ASP F 93 -19.73 28.79 -21.54
N SER F 94 -19.48 28.66 -22.83
CA SER F 94 -19.62 27.38 -23.52
C SER F 94 -18.61 26.37 -22.98
N GLY F 95 -19.02 25.11 -22.93
CA GLY F 95 -18.17 24.07 -22.41
C GLY F 95 -18.98 22.89 -21.92
N THR F 96 -18.34 22.09 -21.07
CA THR F 96 -18.91 20.85 -20.58
C THR F 96 -19.40 21.05 -19.14
N TYR F 97 -20.64 20.64 -18.89
CA TYR F 97 -21.32 20.87 -17.63
C TYR F 97 -21.82 19.54 -17.11
N LEU F 98 -22.11 19.50 -15.81
CA LEU F 98 -22.33 18.23 -15.14
C LEU F 98 -23.08 18.47 -13.84
N CYS F 99 -23.99 17.57 -13.52
CA CYS F 99 -24.77 17.60 -12.29
C CYS F 99 -24.13 16.68 -11.24
N GLY F 100 -24.40 16.98 -9.98
CA GLY F 100 -23.98 16.10 -8.92
C GLY F 100 -24.93 16.14 -7.75
N ALA F 101 -25.32 14.97 -7.25
CA ALA F 101 -26.22 14.86 -6.11
C ALA F 101 -25.49 14.25 -4.92
N ILE F 102 -25.78 14.80 -3.73
CA ILE F 102 -25.28 14.25 -2.49
C ILE F 102 -26.43 14.18 -1.48
N SER F 103 -26.53 13.02 -0.82
CA SER F 103 -27.45 12.77 0.28
C SER F 103 -26.62 12.77 1.56
N LEU F 104 -27.12 13.45 2.59
CA LEU F 104 -26.36 13.62 3.82
C LEU F 104 -26.24 12.34 4.65
N ALA F 105 -26.72 11.20 4.14
CA ALA F 105 -26.54 9.93 4.82
C ALA F 105 -25.07 9.70 5.13
N PRO F 106 -24.73 8.98 6.22
CA PRO F 106 -23.34 8.93 6.69
C PRO F 106 -22.32 8.50 5.64
N LYS F 107 -22.75 7.73 4.64
CA LYS F 107 -21.87 7.42 3.52
C LYS F 107 -21.59 8.67 2.69
N ALA F 108 -22.62 9.50 2.46
CA ALA F 108 -22.49 10.81 1.81
C ALA F 108 -21.72 10.74 0.49
N GLN F 109 -22.11 9.81 -0.38
CA GLN F 109 -21.47 9.75 -1.69
C GLN F 109 -21.83 10.98 -2.53
N ILE F 110 -21.08 11.17 -3.60
CA ILE F 110 -21.34 12.21 -4.59
C ILE F 110 -21.63 11.50 -5.90
N LYS F 111 -22.89 11.15 -6.13
CA LYS F 111 -23.24 10.56 -7.42
C LYS F 111 -23.34 11.66 -8.46
N GLU F 112 -22.71 11.47 -9.61
CA GLU F 112 -22.56 12.57 -10.55
C GLU F 112 -23.01 12.10 -11.93
N SER F 113 -23.76 12.96 -12.60
CA SER F 113 -24.42 12.62 -13.85
C SER F 113 -23.39 12.59 -14.98
N LEU F 114 -23.89 12.53 -16.21
CA LEU F 114 -23.05 12.43 -17.39
C LEU F 114 -22.77 13.83 -17.93
N ARG F 115 -21.72 13.95 -18.73
CA ARG F 115 -21.41 15.22 -19.38
C ARG F 115 -22.61 15.74 -20.17
N ALA F 116 -22.62 17.06 -20.34
CA ALA F 116 -23.58 17.72 -21.22
C ALA F 116 -22.89 18.94 -21.79
N GLU F 117 -23.08 19.18 -23.07
CA GLU F 117 -22.34 20.24 -23.75
C GLU F 117 -23.22 21.47 -23.89
N LEU F 118 -22.58 22.64 -23.92
CA LEU F 118 -23.29 23.88 -24.19
C LEU F 118 -22.43 24.75 -25.10
N ARG F 119 -23.04 25.28 -26.16
CA ARG F 119 -22.37 26.16 -27.10
C ARG F 119 -23.05 27.51 -27.12
N VAL F 120 -22.29 28.54 -27.48
CA VAL F 120 -22.78 29.90 -27.68
C VAL F 120 -21.92 30.58 -28.73
N THR F 121 -22.54 31.06 -29.81
CA THR F 121 -21.80 31.62 -30.93
C THR F 121 -22.62 32.71 -31.60
N GLU F 122 -22.06 33.22 -32.69
CA GLU F 122 -22.64 34.18 -33.64
C GLU F 122 -24.13 34.54 -33.43
C1 NAG G . 2.50 -44.35 -37.69
C2 NAG G . 2.76 -44.62 -39.17
C3 NAG G . 4.11 -44.11 -39.53
C4 NAG G . 3.84 -42.64 -39.71
C5 NAG G . 3.17 -42.07 -38.45
C6 NAG G . 2.36 -40.84 -38.87
C7 NAG G . 3.46 -46.93 -39.37
C8 NAG G . 3.05 -48.30 -39.82
N2 NAG G . 2.58 -46.00 -39.60
O3 NAG G . 4.58 -44.71 -40.73
O4 NAG G . 5.06 -41.95 -40.02
O5 NAG G . 2.29 -42.95 -37.70
O6 NAG G . 1.01 -41.19 -39.18
O7 NAG G . 4.50 -46.69 -38.81
C1 NAG H . -17.10 -28.30 -40.41
C2 NAG H . -15.74 -28.72 -40.96
C3 NAG H . -15.39 -28.23 -42.36
C4 NAG H . -16.59 -28.16 -43.28
C5 NAG H . -17.69 -27.38 -42.60
C6 NAG H . -18.90 -27.33 -43.52
C7 NAG H . -14.02 -27.14 -40.20
C8 NAG H . -12.68 -27.09 -39.54
N2 NAG H . -14.69 -28.28 -40.04
O3 NAG H . -14.44 -29.10 -42.97
O4 NAG H . -16.22 -27.52 -44.49
O5 NAG H . -18.06 -28.08 -41.43
O6 NAG H . -20.08 -27.05 -42.76
O7 NAG H . -14.47 -26.20 -40.83
C1 NAG I . 7.69 -45.83 -20.27
C2 NAG I . 8.47 -45.66 -21.58
C3 NAG I . 9.75 -44.87 -21.36
C4 NAG I . 9.36 -43.59 -20.65
C5 NAG I . 8.66 -43.86 -19.31
C6 NAG I . 7.41 -42.99 -19.16
C7 NAG I . 8.70 -48.15 -21.80
C8 NAG I . 8.95 -49.25 -22.80
N2 NAG I . 8.75 -46.91 -22.30
O3 NAG I . 10.38 -44.52 -22.60
O4 NAG I . 10.55 -42.84 -20.43
O5 NAG I . 8.36 -45.25 -19.16
O6 NAG I . 6.35 -43.70 -18.49
O7 NAG I . 8.45 -48.39 -20.64
C1 NAG J . -34.26 35.07 -18.45
C2 NAG J . -34.01 35.35 -16.98
C3 NAG J . -35.06 36.37 -16.59
C4 NAG J . -35.03 37.56 -17.52
C5 NAG J . -35.16 37.11 -18.97
C6 NAG J . -35.03 38.25 -19.97
C7 NAG J . -34.74 34.14 -15.03
C8 NAG J . -35.57 32.95 -14.67
N2 NAG J . -34.20 34.14 -16.23
O3 NAG J . -34.81 36.84 -15.27
O4 NAG J . -36.11 38.39 -17.13
O5 NAG J . -34.10 36.22 -19.23
O6 NAG J . -34.69 37.75 -21.27
O7 NAG J . -34.58 35.07 -14.27
C1 NAG K . -38.24 16.03 -0.36
C2 NAG K . -38.81 16.94 -1.42
C3 NAG K . -39.84 16.08 -2.12
C4 NAG K . -41.01 15.81 -1.20
C5 NAG K . -40.57 15.91 0.23
C6 NAG K . -41.57 15.15 1.10
C7 NAG K . -40.40 18.83 -1.18
C8 NAG K . -40.76 20.06 -0.41
N2 NAG K . -39.27 18.20 -0.84
O3 NAG K . -39.24 14.81 -2.46
O4 NAG K . -42.09 16.74 -1.39
O5 NAG K . -39.27 15.35 0.34
O6 NAG K . -40.93 14.78 2.32
O7 NAG K . -41.16 18.44 -2.04
C1 NAG L . -11.11 13.12 -18.97
C2 NAG L . -10.07 12.13 -19.47
C3 NAG L . -10.73 10.97 -20.21
C4 NAG L . -11.87 10.40 -19.40
C5 NAG L . -12.81 11.50 -18.93
C6 NAG L . -13.93 10.92 -18.09
C7 NAG L . -8.00 13.30 -19.79
C8 NAG L . -7.10 14.07 -20.73
N2 NAG L . -9.12 12.83 -20.31
O3 NAG L . -9.75 9.95 -20.42
O4 NAG L . -12.61 9.46 -20.19
O5 NAG L . -12.08 12.45 -18.17
O6 NAG L . -14.32 9.66 -18.64
O7 NAG L . -7.70 13.13 -18.62
C1 NAG M . -13.00 34.95 -22.81
C2 NAG M . -12.75 35.48 -24.21
C3 NAG M . -13.60 36.72 -24.34
C4 NAG M . -13.06 37.75 -23.38
C5 NAG M . -13.13 37.22 -21.96
C6 NAG M . -14.56 37.19 -21.45
C7 NAG M . -10.39 34.90 -24.52
C8 NAG M . -10.86 33.48 -24.44
N2 NAG M . -11.35 35.82 -24.42
O3 NAG M . -14.95 36.43 -24.01
O4 NAG M . -11.71 38.02 -23.70
O5 NAG M . -12.54 35.93 -21.87
O6 NAG M . -14.68 38.21 -20.46
O7 NAG M . -9.21 35.19 -24.67
#